data_2W83
#
_entry.id   2W83
#
_cell.length_a   137.270
_cell.length_b   137.270
_cell.length_c   165.030
_cell.angle_alpha   90.00
_cell.angle_beta   90.00
_cell.angle_gamma   120.00
#
_symmetry.space_group_name_H-M   'P 62 2 2'
#
loop_
_entity.id
_entity.type
_entity.pdbx_description
1 polymer 'ADP-RIBOSYLATION FACTOR 6'
2 polymer 'C-JUN-AMINO-TERMINAL KINASE-INTERACTING PROTEIN 4'
3 non-polymer "GUANOSINE-5'-TRIPHOSPHATE"
4 non-polymer 'MAGNESIUM ION'
5 non-polymer '1,4-DIETHYLENE DIOXIDE'
6 non-polymer GLYCEROL
7 water water
#
loop_
_entity_poly.entity_id
_entity_poly.type
_entity_poly.pdbx_seq_one_letter_code
_entity_poly.pdbx_strand_id
1 'polypeptide(L)'
;AMEMRILMLGLDAAGKTTILYKLKLGQSVTTIPTVGFNVETVTYKNVKFNVWDVGGLDKIRPLWRHYYTGTQGLIFVVDC
ADRDRIDEARQELHRIINDREMRDAIILIFANKQDLPDAMKPHEIQEKLGLTRIRDRNWYVQPSCATSGDGLYEGLTWLT
SNYKS
;
A,B,E
2 'polypeptide(L)' AMDPEFMGREVENLILENTQLLETKNALNIVKNDLIAKVDELTCEKDVLQGELEAVKQAKLKLEEKNRELEEELRKA C,D
#
loop_
_chem_comp.id
_chem_comp.type
_chem_comp.name
_chem_comp.formula
DIO non-polymer '1,4-DIETHYLENE DIOXIDE' 'C4 H8 O2'
GOL non-polymer GLYCEROL 'C3 H8 O3'
GTP non-polymer GUANOSINE-5'-TRIPHOSPHATE 'C10 H16 N5 O14 P3'
MG non-polymer 'MAGNESIUM ION' 'Mg 2'
#
# COMPACT_ATOMS: atom_id res chain seq x y z
N MET A 2 15.90 -7.56 1.67
CA MET A 2 14.48 -7.78 2.10
C MET A 2 13.52 -6.89 1.32
N GLU A 3 12.30 -7.37 1.12
CA GLU A 3 11.28 -6.67 0.34
C GLU A 3 10.03 -6.42 1.17
N MET A 4 9.45 -5.22 1.02
CA MET A 4 8.22 -4.89 1.73
C MET A 4 7.29 -4.06 0.85
N ARG A 5 6.07 -4.55 0.68
CA ARG A 5 5.05 -3.78 -0.05
C ARG A 5 4.34 -2.85 0.93
N ILE A 6 4.43 -1.56 0.64
CA ILE A 6 3.87 -0.53 1.50
C ILE A 6 2.70 0.16 0.80
N LEU A 7 1.58 0.29 1.50
CA LEU A 7 0.47 1.12 1.03
C LEU A 7 0.38 2.39 1.88
N MET A 8 0.41 3.54 1.21
CA MET A 8 0.38 4.83 1.92
C MET A 8 -0.94 5.53 1.64
N LEU A 9 -1.71 5.68 2.71
CA LEU A 9 -3.05 6.27 2.66
C LEU A 9 -3.17 7.40 3.67
N GLY A 10 -4.30 8.10 3.65
CA GLY A 10 -4.50 9.31 4.43
C GLY A 10 -5.41 10.23 3.65
N LEU A 11 -6.01 11.20 4.34
CA LEU A 11 -6.87 12.17 3.67
C LEU A 11 -6.08 12.94 2.61
N ASP A 12 -6.79 13.47 1.62
CA ASP A 12 -6.21 14.43 0.70
C ASP A 12 -5.48 15.53 1.49
N ALA A 13 -4.36 15.97 0.93
CA ALA A 13 -3.55 17.06 1.46
C ALA A 13 -2.72 16.69 2.70
N ALA A 14 -2.75 15.42 3.09
CA ALA A 14 -2.01 14.99 4.28
C ALA A 14 -0.49 15.09 4.10
N GLY A 15 -0.03 14.89 2.85
CA GLY A 15 1.39 14.96 2.53
C GLY A 15 2.01 13.66 2.00
N LYS A 16 1.16 12.73 1.60
CA LYS A 16 1.61 11.41 1.11
C LYS A 16 2.57 11.51 -0.08
N THR A 17 2.18 12.21 -1.13
CA THR A 17 3.04 12.32 -2.33
C THR A 17 4.34 13.08 -2.02
N THR A 18 4.26 14.10 -1.17
CA THR A 18 5.45 14.85 -0.74
C THR A 18 6.44 13.91 -0.05
N ILE A 19 5.95 13.05 0.84
CA ILE A 19 6.77 12.05 1.54
C ILE A 19 7.42 11.08 0.54
N LEU A 20 6.63 10.55 -0.38
CA LEU A 20 7.14 9.58 -1.35
C LEU A 20 8.34 10.15 -2.10
N TYR A 21 8.20 11.38 -2.60
CA TYR A 21 9.24 11.97 -3.44
C TYR A 21 10.38 12.63 -2.69
N LYS A 22 10.12 13.01 -1.43
CA LYS A 22 11.22 13.37 -0.52
C LYS A 22 12.12 12.15 -0.30
N LEU A 23 11.53 10.99 -0.06
CA LEU A 23 12.28 9.76 0.11
C LEU A 23 12.97 9.35 -1.20
N LYS A 24 12.21 9.30 -2.28
CA LYS A 24 12.71 8.82 -3.57
C LYS A 24 13.74 9.75 -4.19
N LEU A 25 13.47 11.05 -4.21
CA LEU A 25 14.32 12.02 -4.90
C LEU A 25 15.22 12.84 -3.99
N GLY A 26 14.89 12.88 -2.70
CA GLY A 26 15.63 13.73 -1.77
C GLY A 26 15.20 15.19 -1.80
N GLN A 27 14.08 15.49 -2.46
CA GLN A 27 13.60 16.88 -2.50
C GLN A 27 12.08 17.03 -2.35
N SER A 28 11.69 18.22 -1.91
CA SER A 28 10.31 18.61 -1.80
C SER A 28 9.82 19.08 -3.17
N VAL A 29 8.95 18.29 -3.78
CA VAL A 29 8.43 18.59 -5.12
C VAL A 29 7.05 19.24 -5.02
N THR A 30 6.66 20.02 -6.02
CA THR A 30 5.31 20.56 -5.97
C THR A 30 4.36 19.48 -6.47
N THR A 31 3.21 19.39 -5.81
CA THR A 31 2.25 18.34 -6.05
C THR A 31 0.89 18.96 -6.29
N ILE A 32 0.00 18.14 -6.84
CA ILE A 32 -1.41 18.43 -6.86
C ILE A 32 -2.10 17.16 -6.38
N PRO A 33 -3.42 17.23 -6.10
CA PRO A 33 -4.11 16.03 -5.60
C PRO A 33 -3.93 14.87 -6.57
N THR A 34 -3.60 13.72 -6.01
CA THR A 34 -3.27 12.53 -6.79
C THR A 34 -4.53 11.86 -7.33
N VAL A 35 -4.57 11.70 -8.65
CA VAL A 35 -5.59 10.91 -9.32
C VAL A 35 -4.89 9.60 -9.66
N GLY A 36 -5.50 8.49 -9.24
CA GLY A 36 -4.89 7.19 -9.36
C GLY A 36 -3.87 6.98 -8.26
N PHE A 37 -2.63 6.70 -8.64
CA PHE A 37 -1.60 6.39 -7.67
C PHE A 37 -0.20 6.69 -8.19
N ASN A 38 0.73 6.83 -7.25
CA ASN A 38 2.16 6.81 -7.54
C ASN A 38 2.77 5.59 -6.88
N VAL A 39 3.80 5.03 -7.49
CA VAL A 39 4.50 3.91 -6.88
C VAL A 39 5.99 4.03 -7.16
N GLU A 40 6.78 3.94 -6.09
CA GLU A 40 8.23 4.01 -6.22
C GLU A 40 8.90 2.99 -5.30
N THR A 41 10.07 2.53 -5.73
CA THR A 41 10.91 1.64 -4.94
C THR A 41 11.91 2.49 -4.17
N VAL A 42 11.84 2.41 -2.85
CA VAL A 42 12.77 3.17 -1.99
C VAL A 42 13.62 2.19 -1.19
N THR A 43 14.93 2.34 -1.28
CA THR A 43 15.87 1.46 -0.61
C THR A 43 16.50 2.14 0.62
N TYR A 44 16.44 1.46 1.76
CA TYR A 44 16.95 1.98 3.03
C TYR A 44 17.24 0.85 4.01
N LYS A 45 18.40 0.90 4.65
CA LYS A 45 18.83 -0.09 5.66
C LYS A 45 18.53 -1.54 5.26
N ASN A 46 18.91 -1.88 4.02
CA ASN A 46 18.79 -3.26 3.52
C ASN A 46 17.40 -3.73 3.13
N VAL A 47 16.43 -2.82 3.10
CA VAL A 47 15.07 -3.18 2.69
C VAL A 47 14.61 -2.35 1.49
N LYS A 48 14.03 -3.04 0.52
CA LYS A 48 13.50 -2.46 -0.70
C LYS A 48 12.00 -2.28 -0.50
N PHE A 49 11.61 -1.03 -0.26
CA PHE A 49 10.20 -0.70 -0.05
C PHE A 49 9.54 -0.36 -1.39
N ASN A 50 8.51 -1.09 -1.76
CA ASN A 50 7.63 -0.65 -2.85
C ASN A 50 6.49 0.14 -2.22
N VAL A 51 6.55 1.46 -2.39
CA VAL A 51 5.60 2.35 -1.71
C VAL A 51 4.52 2.82 -2.67
N TRP A 52 3.28 2.39 -2.39
CA TRP A 52 2.11 2.76 -3.18
C TRP A 52 1.42 3.96 -2.51
N ASP A 53 1.39 5.07 -3.24
CA ASP A 53 0.78 6.31 -2.78
C ASP A 53 -0.54 6.56 -3.55
N VAL A 54 -1.67 6.39 -2.87
CA VAL A 54 -2.96 6.44 -3.55
C VAL A 54 -3.71 7.70 -3.14
N GLY A 55 -4.32 8.38 -4.12
CA GLY A 55 -5.08 9.61 -3.89
C GLY A 55 -6.13 9.50 -2.79
N GLY A 56 -6.18 10.51 -1.92
CA GLY A 56 -7.06 10.46 -0.76
C GLY A 56 -8.25 11.39 -0.78
N LEU A 57 -8.54 12.03 -1.93
CA LEU A 57 -9.75 12.85 -2.04
C LEU A 57 -10.99 11.99 -1.75
N ASP A 58 -11.93 12.57 -1.01
CA ASP A 58 -13.11 11.85 -0.49
C ASP A 58 -13.74 10.87 -1.49
N LYS A 59 -14.07 11.34 -2.69
CA LYS A 59 -14.82 10.54 -3.66
C LYS A 59 -14.03 9.38 -4.29
N ILE A 60 -12.71 9.39 -4.14
CA ILE A 60 -11.89 8.27 -4.61
C ILE A 60 -11.37 7.37 -3.48
N ARG A 61 -11.80 7.61 -2.24
CA ARG A 61 -11.46 6.67 -1.17
C ARG A 61 -12.01 5.25 -1.31
N PRO A 62 -13.19 5.08 -1.94
CA PRO A 62 -13.64 3.70 -2.24
C PRO A 62 -12.67 2.89 -3.11
N LEU A 63 -11.77 3.56 -3.81
CA LEU A 63 -10.74 2.89 -4.62
C LEU A 63 -9.65 2.23 -3.76
N TRP A 64 -9.44 2.77 -2.55
CA TRP A 64 -8.33 2.32 -1.68
C TRP A 64 -8.27 0.81 -1.49
N ARG A 65 -9.41 0.20 -1.19
CA ARG A 65 -9.46 -1.20 -0.76
C ARG A 65 -8.95 -2.15 -1.85
N HIS A 66 -8.96 -1.68 -3.10
CA HIS A 66 -8.52 -2.52 -4.21
C HIS A 66 -7.01 -2.54 -4.36
N TYR A 67 -6.33 -1.70 -3.61
CA TYR A 67 -4.87 -1.71 -3.55
C TYR A 67 -4.33 -2.46 -2.34
N TYR A 68 -5.21 -2.98 -1.49
CA TYR A 68 -4.80 -3.65 -0.24
C TYR A 68 -3.96 -4.92 -0.47
N THR A 69 -4.33 -5.68 -1.51
CA THR A 69 -3.71 -7.00 -1.77
C THR A 69 -2.19 -7.02 -1.62
N GLY A 70 -1.72 -7.84 -0.69
CA GLY A 70 -0.29 -8.06 -0.50
C GLY A 70 0.44 -7.02 0.32
N THR A 71 -0.30 -6.09 0.92
CA THR A 71 0.30 -5.03 1.72
C THR A 71 0.92 -5.63 2.99
N GLN A 72 2.16 -5.26 3.28
CA GLN A 72 2.85 -5.75 4.48
C GLN A 72 2.97 -4.66 5.55
N GLY A 73 3.01 -3.41 5.10
CA GLY A 73 3.00 -2.25 5.98
C GLY A 73 2.07 -1.15 5.46
N LEU A 74 1.23 -0.63 6.35
CA LEU A 74 0.46 0.58 6.08
C LEU A 74 1.17 1.81 6.61
N ILE A 75 1.33 2.81 5.75
CA ILE A 75 1.71 4.14 6.22
C ILE A 75 0.46 4.99 6.14
N PHE A 76 -0.01 5.48 7.28
CA PHE A 76 -1.16 6.41 7.32
C PHE A 76 -0.67 7.80 7.65
N VAL A 77 -0.91 8.74 6.74
CA VAL A 77 -0.37 10.09 6.89
C VAL A 77 -1.48 11.05 7.36
N VAL A 78 -1.16 11.83 8.38
CA VAL A 78 -2.14 12.75 8.97
C VAL A 78 -1.59 14.17 8.97
N ASP A 79 -2.41 15.13 8.51
CA ASP A 79 -2.08 16.55 8.60
C ASP A 79 -2.44 16.98 10.01
N CYS A 80 -1.41 17.15 10.83
CA CYS A 80 -1.60 17.45 12.25
C CYS A 80 -2.07 18.88 12.55
N ALA A 81 -2.08 19.74 11.51
CA ALA A 81 -2.62 21.09 11.66
C ALA A 81 -4.10 21.18 11.25
N ASP A 82 -4.56 20.16 10.52
CA ASP A 82 -5.95 20.10 10.07
C ASP A 82 -6.84 19.55 11.18
N ARG A 83 -7.11 20.39 12.18
CA ARG A 83 -7.85 19.98 13.37
C ARG A 83 -9.26 19.53 13.05
N ASP A 84 -9.89 20.24 12.11
CA ASP A 84 -11.28 19.99 11.75
C ASP A 84 -11.51 18.65 11.08
N ARG A 85 -10.44 18.03 10.57
CA ARG A 85 -10.57 16.74 9.91
C ARG A 85 -9.89 15.56 10.63
N ILE A 86 -9.39 15.80 11.84
CA ILE A 86 -8.77 14.70 12.58
C ILE A 86 -9.73 13.53 12.83
N ASP A 87 -11.00 13.83 13.12
CA ASP A 87 -11.94 12.76 13.38
C ASP A 87 -12.25 11.96 12.11
N GLU A 88 -12.31 12.66 10.98
CA GLU A 88 -12.44 12.03 9.66
C GLU A 88 -11.27 11.07 9.38
N ALA A 89 -10.06 11.52 9.70
CA ALA A 89 -8.85 10.70 9.53
C ALA A 89 -8.93 9.45 10.42
N ARG A 90 -9.38 9.62 11.66
CA ARG A 90 -9.58 8.50 12.58
C ARG A 90 -10.48 7.44 11.95
N GLN A 91 -11.62 7.89 11.43
CA GLN A 91 -12.61 7.00 10.81
C GLN A 91 -12.02 6.23 9.63
N GLU A 92 -11.30 6.93 8.76
CA GLU A 92 -10.67 6.31 7.60
C GLU A 92 -9.59 5.30 8.04
N LEU A 93 -8.76 5.68 9.02
CA LEU A 93 -7.71 4.79 9.50
C LEU A 93 -8.27 3.46 10.00
N HIS A 94 -9.31 3.54 10.83
CA HIS A 94 -9.90 2.34 11.41
C HIS A 94 -10.64 1.48 10.37
N ARG A 95 -11.22 2.12 9.35
CA ARG A 95 -11.80 1.38 8.24
C ARG A 95 -10.74 0.55 7.49
N ILE A 96 -9.60 1.17 7.22
CA ILE A 96 -8.49 0.46 6.58
C ILE A 96 -8.04 -0.77 7.40
N ILE A 97 -7.70 -0.55 8.66
CA ILE A 97 -7.02 -1.60 9.43
C ILE A 97 -7.93 -2.74 9.82
N ASN A 98 -9.24 -2.50 9.77
CA ASN A 98 -10.24 -3.51 10.04
C ASN A 98 -10.63 -4.38 8.83
N ASP A 99 -10.10 -4.03 7.64
CA ASP A 99 -10.35 -4.83 6.45
C ASP A 99 -9.55 -6.13 6.51
N ARG A 100 -10.19 -7.23 6.10
CA ARG A 100 -9.57 -8.57 6.11
C ARG A 100 -8.21 -8.66 5.43
N GLU A 101 -8.05 -7.95 4.31
CA GLU A 101 -6.80 -7.93 3.55
C GLU A 101 -5.70 -7.12 4.24
N MET A 102 -6.06 -6.34 5.25
CA MET A 102 -5.09 -5.49 5.96
C MET A 102 -4.80 -5.95 7.39
N ARG A 103 -5.36 -7.09 7.79
CA ARG A 103 -5.29 -7.55 9.18
C ARG A 103 -3.88 -7.81 9.71
N ASP A 104 -2.95 -8.11 8.82
CA ASP A 104 -1.60 -8.46 9.25
C ASP A 104 -0.56 -7.36 9.02
N ALA A 105 -0.99 -6.26 8.41
CA ALA A 105 -0.08 -5.17 8.11
C ALA A 105 0.38 -4.51 9.40
N ILE A 106 1.66 -4.18 9.47
CA ILE A 106 2.15 -3.28 10.51
C ILE A 106 1.74 -1.85 10.15
N ILE A 107 1.54 -1.00 11.16
CA ILE A 107 0.98 0.33 10.96
C ILE A 107 1.92 1.46 11.39
N LEU A 108 2.43 2.20 10.41
CA LEU A 108 3.18 3.42 10.67
C LEU A 108 2.28 4.62 10.43
N ILE A 109 2.11 5.45 11.47
CA ILE A 109 1.38 6.70 11.31
C ILE A 109 2.38 7.84 11.28
N PHE A 110 2.40 8.60 10.19
CA PHE A 110 3.17 9.82 10.13
C PHE A 110 2.29 10.95 10.64
N ALA A 111 2.66 11.48 11.79
CA ALA A 111 2.03 12.68 12.34
C ALA A 111 2.70 13.87 11.66
N ASN A 112 2.21 14.18 10.45
CA ASN A 112 2.90 15.07 9.54
C ASN A 112 2.60 16.58 9.71
N LYS A 113 3.43 17.41 9.08
CA LYS A 113 3.35 18.89 9.13
C LYS A 113 3.67 19.48 10.50
N GLN A 114 4.59 18.82 11.21
CA GLN A 114 5.05 19.25 12.55
C GLN A 114 5.74 20.62 12.53
N ASP A 115 6.15 21.06 11.34
CA ASP A 115 6.73 22.39 11.14
C ASP A 115 5.74 23.53 11.35
N LEU A 116 4.45 23.25 11.21
CA LEU A 116 3.43 24.28 11.30
C LEU A 116 3.21 24.68 12.78
N PRO A 117 3.10 26.00 13.05
CA PRO A 117 2.98 26.45 14.45
C PRO A 117 1.75 25.88 15.16
N ASP A 118 0.68 25.67 14.40
CA ASP A 118 -0.56 25.15 14.94
C ASP A 118 -0.73 23.63 14.79
N ALA A 119 0.35 22.92 14.44
CA ALA A 119 0.31 21.48 14.32
C ALA A 119 0.21 20.81 15.69
N MET A 120 -0.70 19.84 15.81
CA MET A 120 -0.80 19.03 17.02
C MET A 120 0.35 18.01 17.12
N LYS A 121 0.83 17.81 18.35
CA LYS A 121 1.91 16.85 18.62
C LYS A 121 1.36 15.43 18.65
N PRO A 122 2.21 14.42 18.40
CA PRO A 122 1.73 13.03 18.49
C PRO A 122 0.94 12.70 19.77
N HIS A 123 1.40 13.16 20.93
CA HIS A 123 0.69 12.85 22.20
C HIS A 123 -0.72 13.46 22.23
N GLU A 124 -0.92 14.55 21.49
CA GLU A 124 -2.23 15.21 21.42
C GLU A 124 -3.21 14.44 20.55
N ILE A 125 -2.68 13.48 19.79
CA ILE A 125 -3.39 12.82 18.72
C ILE A 125 -3.73 11.37 19.10
N GLN A 126 -3.20 10.92 20.24
CA GLN A 126 -3.27 9.49 20.58
C GLN A 126 -4.68 8.94 20.79
N GLU A 127 -5.58 9.78 21.31
CA GLU A 127 -6.98 9.40 21.42
C GLU A 127 -7.86 9.96 20.28
N LYS A 128 -7.49 11.13 19.77
CA LYS A 128 -8.25 11.75 18.68
C LYS A 128 -8.23 10.87 17.43
N LEU A 129 -7.13 10.14 17.22
CA LEU A 129 -7.02 9.15 16.14
C LEU A 129 -7.40 7.73 16.55
N GLY A 130 -7.80 7.57 17.81
CA GLY A 130 -8.29 6.27 18.31
C GLY A 130 -7.20 5.22 18.41
N LEU A 131 -5.96 5.66 18.53
CA LEU A 131 -4.82 4.75 18.51
C LEU A 131 -4.72 3.88 19.76
N THR A 132 -4.97 4.48 20.92
CA THR A 132 -4.86 3.76 22.20
C THR A 132 -5.87 2.62 22.30
N ARG A 133 -6.91 2.67 21.46
CA ARG A 133 -7.93 1.62 21.48
C ARG A 133 -7.82 0.57 20.37
N ILE A 134 -6.79 0.70 19.52
CA ILE A 134 -6.44 -0.34 18.55
C ILE A 134 -5.99 -1.58 19.32
N ARG A 135 -6.59 -2.73 18.99
CA ARG A 135 -6.30 -3.97 19.70
C ARG A 135 -5.61 -5.00 18.83
N ASP A 136 -4.56 -5.62 19.38
CA ASP A 136 -3.85 -6.74 18.76
C ASP A 136 -3.13 -6.40 17.45
N ARG A 137 -2.58 -5.19 17.38
CA ARG A 137 -1.85 -4.75 16.20
C ARG A 137 -0.48 -4.21 16.58
N ASN A 138 0.35 -3.94 15.57
CA ASN A 138 1.68 -3.38 15.73
C ASN A 138 1.71 -2.02 15.06
N TRP A 139 1.55 -0.97 15.87
CA TRP A 139 1.46 0.40 15.36
C TRP A 139 2.44 1.33 16.06
N TYR A 140 2.77 2.43 15.38
CA TYR A 140 3.75 3.42 15.85
C TYR A 140 3.44 4.77 15.22
N VAL A 141 3.54 5.83 16.01
CA VAL A 141 3.37 7.18 15.48
C VAL A 141 4.72 7.87 15.38
N GLN A 142 4.99 8.44 14.21
CA GLN A 142 6.22 9.16 13.95
C GLN A 142 5.91 10.60 13.57
N PRO A 143 6.37 11.59 14.38
CA PRO A 143 6.22 12.97 13.95
C PRO A 143 7.10 13.21 12.73
N SER A 144 6.60 14.00 11.80
CA SER A 144 7.35 14.27 10.57
C SER A 144 7.08 15.66 10.01
N CYS A 145 8.04 16.13 9.21
CA CYS A 145 7.84 17.23 8.28
C CYS A 145 8.33 16.72 6.93
N ALA A 146 7.38 16.50 6.02
CA ALA A 146 7.66 15.90 4.71
C ALA A 146 8.50 16.82 3.83
N THR A 147 8.30 18.12 3.99
CA THR A 147 9.01 19.10 3.17
C THR A 147 10.52 19.17 3.52
N SER A 148 10.85 18.93 4.78
CA SER A 148 12.25 18.95 5.23
C SER A 148 12.84 17.55 5.27
N GLY A 149 11.97 16.55 5.33
CA GLY A 149 12.39 15.15 5.49
C GLY A 149 12.57 14.72 6.94
N ASP A 150 12.40 15.65 7.88
CA ASP A 150 12.49 15.33 9.31
C ASP A 150 11.49 14.22 9.66
N GLY A 151 11.97 13.17 10.33
CA GLY A 151 11.13 12.07 10.80
C GLY A 151 10.90 10.92 9.82
N LEU A 152 11.19 11.14 8.53
CA LEU A 152 10.84 10.14 7.52
C LEU A 152 11.69 8.87 7.61
N TYR A 153 13.00 9.04 7.75
CA TYR A 153 13.89 7.88 7.88
C TYR A 153 13.72 7.15 9.22
N GLU A 154 13.35 7.89 10.25
CA GLU A 154 12.97 7.30 11.54
C GLU A 154 11.75 6.41 11.40
N GLY A 155 10.77 6.85 10.60
CA GLY A 155 9.61 6.01 10.31
C GLY A 155 9.99 4.75 9.52
N LEU A 156 10.82 4.92 8.50
CA LEU A 156 11.32 3.78 7.73
C LEU A 156 12.11 2.80 8.59
N THR A 157 12.91 3.32 9.52
CA THR A 157 13.64 2.46 10.46
C THR A 157 12.69 1.59 11.28
N TRP A 158 11.63 2.21 11.81
CA TRP A 158 10.61 1.43 12.54
C TRP A 158 10.05 0.30 11.70
N LEU A 159 9.74 0.59 10.43
CA LEU A 159 9.23 -0.45 9.53
C LEU A 159 10.23 -1.59 9.34
N THR A 160 11.51 -1.25 9.18
CA THR A 160 12.57 -2.27 9.00
C THR A 160 12.71 -3.14 10.25
N SER A 161 12.61 -2.52 11.42
CA SER A 161 12.76 -3.21 12.69
C SER A 161 11.57 -4.10 13.00
N ASN A 162 10.47 -3.87 12.30
CA ASN A 162 9.25 -4.64 12.46
C ASN A 162 8.85 -5.35 11.17
N MET B 2 7.26 7.75 -31.46
CA MET B 2 5.84 7.38 -31.72
C MET B 2 5.46 6.13 -30.94
N GLU B 3 4.41 6.25 -30.13
CA GLU B 3 3.97 5.15 -29.28
C GLU B 3 2.65 4.56 -29.73
N MET B 4 2.57 3.24 -29.70
CA MET B 4 1.37 2.52 -30.08
C MET B 4 1.09 1.40 -29.08
N ARG B 5 -0.12 1.41 -28.50
CA ARG B 5 -0.52 0.34 -27.61
C ARG B 5 -1.17 -0.77 -28.42
N ILE B 6 -0.54 -1.94 -28.36
CA ILE B 6 -0.97 -3.09 -29.13
C ILE B 6 -1.53 -4.16 -28.21
N LEU B 7 -2.73 -4.64 -28.53
CA LEU B 7 -3.29 -5.81 -27.86
C LEU B 7 -3.18 -7.00 -28.81
N MET B 8 -2.51 -8.05 -28.35
CA MET B 8 -2.31 -9.28 -29.14
C MET B 8 -3.14 -10.43 -28.58
N LEU B 9 -4.20 -10.78 -29.32
CA LEU B 9 -5.14 -11.82 -28.92
C LEU B 9 -5.18 -12.96 -29.94
N GLY B 10 -5.91 -14.02 -29.60
CA GLY B 10 -6.02 -15.21 -30.42
C GLY B 10 -6.23 -16.41 -29.52
N LEU B 11 -6.71 -17.53 -30.08
CA LEU B 11 -6.92 -18.74 -29.30
C LEU B 11 -5.61 -19.24 -28.68
N ASP B 12 -5.71 -20.03 -27.62
CA ASP B 12 -4.55 -20.67 -27.02
C ASP B 12 -3.79 -21.50 -28.06
N ALA B 13 -2.47 -21.58 -27.86
CA ALA B 13 -1.56 -22.35 -28.73
C ALA B 13 -1.28 -21.72 -30.10
N ALA B 14 -1.82 -20.51 -30.34
CA ALA B 14 -1.71 -19.85 -31.64
C ALA B 14 -0.31 -19.30 -31.95
N GLY B 15 0.46 -18.99 -30.91
CA GLY B 15 1.82 -18.49 -31.06
C GLY B 15 2.09 -17.08 -30.55
N LYS B 16 1.16 -16.53 -29.76
CA LYS B 16 1.26 -15.15 -29.28
C LYS B 16 2.55 -14.87 -28.50
N THR B 17 2.82 -15.68 -27.48
CA THR B 17 3.99 -15.48 -26.61
C THR B 17 5.30 -15.75 -27.34
N THR B 18 5.26 -16.67 -28.31
CA THR B 18 6.40 -16.94 -29.18
C THR B 18 6.74 -15.69 -29.99
N ILE B 19 5.72 -15.07 -30.59
CA ILE B 19 5.87 -13.85 -31.37
C ILE B 19 6.43 -12.71 -30.51
N LEU B 20 5.85 -12.52 -29.33
CA LEU B 20 6.28 -11.44 -28.43
C LEU B 20 7.76 -11.51 -28.11
N TYR B 21 8.24 -12.68 -27.70
CA TYR B 21 9.63 -12.82 -27.25
C TYR B 21 10.65 -13.09 -28.36
N LYS B 22 10.17 -13.53 -29.52
CA LYS B 22 11.02 -13.56 -30.71
C LYS B 22 11.35 -12.13 -31.11
N LEU B 23 10.36 -11.24 -30.98
CA LEU B 23 10.54 -9.82 -31.29
C LEU B 23 11.37 -9.09 -30.24
N LYS B 24 11.14 -9.43 -28.98
CA LYS B 24 11.81 -8.76 -27.85
C LYS B 24 13.22 -9.30 -27.56
N LEU B 25 13.36 -10.63 -27.52
CA LEU B 25 14.62 -11.28 -27.12
C LEU B 25 15.41 -11.87 -28.29
N GLY B 26 14.82 -11.87 -29.48
CA GLY B 26 15.51 -12.29 -30.71
C GLY B 26 15.58 -13.79 -30.98
N GLN B 27 15.01 -14.59 -30.09
CA GLN B 27 15.01 -16.04 -30.27
C GLN B 27 13.69 -16.67 -29.85
N SER B 28 13.47 -17.90 -30.33
CA SER B 28 12.31 -18.68 -29.95
C SER B 28 12.60 -19.30 -28.58
N VAL B 29 11.83 -18.87 -27.59
CA VAL B 29 11.97 -19.38 -26.23
C VAL B 29 10.86 -20.39 -25.94
N THR B 30 11.08 -21.24 -24.94
CA THR B 30 10.07 -22.20 -24.50
C THR B 30 8.90 -21.47 -23.83
N THR B 31 7.69 -21.87 -24.20
CA THR B 31 6.50 -21.26 -23.66
C THR B 31 5.55 -22.32 -23.10
N ILE B 32 4.82 -21.93 -22.07
CA ILE B 32 3.71 -22.72 -21.56
C ILE B 32 2.45 -21.88 -21.73
N PRO B 33 1.25 -22.51 -21.71
CA PRO B 33 0.02 -21.70 -21.82
C PRO B 33 0.05 -20.55 -20.82
N THR B 34 -0.29 -19.35 -21.28
CA THR B 34 -0.18 -18.14 -20.46
C THR B 34 -1.36 -17.98 -19.52
N VAL B 35 -1.07 -17.98 -18.22
CA VAL B 35 -2.04 -17.53 -17.22
C VAL B 35 -1.67 -16.08 -16.93
N GLY B 36 -2.63 -15.20 -17.09
CA GLY B 36 -2.39 -13.76 -16.98
C GLY B 36 -2.02 -13.17 -18.32
N PHE B 37 -0.95 -12.39 -18.33
CA PHE B 37 -0.51 -11.68 -19.54
C PHE B 37 0.99 -11.43 -19.51
N ASN B 38 1.54 -11.14 -20.69
CA ASN B 38 2.90 -10.61 -20.83
C ASN B 38 2.80 -9.27 -21.54
N VAL B 39 3.74 -8.39 -21.27
CA VAL B 39 3.80 -7.10 -21.98
C VAL B 39 5.24 -6.66 -22.16
N GLU B 40 5.58 -6.27 -23.38
CA GLU B 40 6.93 -5.79 -23.67
C GLU B 40 6.86 -4.64 -24.65
N THR B 41 7.90 -3.80 -24.61
CA THR B 41 8.03 -2.72 -25.57
C THR B 41 9.01 -3.13 -26.66
N VAL B 42 8.53 -3.15 -27.89
CA VAL B 42 9.33 -3.46 -29.08
C VAL B 42 9.46 -2.20 -29.92
N THR B 43 10.70 -1.80 -30.21
CA THR B 43 10.95 -0.63 -31.06
C THR B 43 11.44 -1.08 -32.43
N TYR B 44 10.80 -0.56 -33.47
CA TYR B 44 11.10 -0.92 -34.85
C TYR B 44 10.59 0.19 -35.77
N LYS B 45 11.51 0.83 -36.50
CA LYS B 45 11.16 1.98 -37.38
C LYS B 45 10.83 3.25 -36.60
N ASN B 46 11.58 3.53 -35.55
CA ASN B 46 11.37 4.72 -34.70
C ASN B 46 9.99 4.75 -34.02
N VAL B 47 9.30 3.60 -34.03
CA VAL B 47 8.01 3.47 -33.36
C VAL B 47 8.05 2.39 -32.27
N LYS B 48 7.56 2.76 -31.09
CA LYS B 48 7.71 1.98 -29.88
C LYS B 48 6.39 1.26 -29.54
N PHE B 49 6.34 -0.04 -29.85
CA PHE B 49 5.11 -0.82 -29.66
C PHE B 49 5.03 -1.41 -28.26
N ASN B 50 4.00 -1.05 -27.50
CA ASN B 50 3.70 -1.75 -26.25
C ASN B 50 2.75 -2.90 -26.54
N VAL B 51 3.30 -4.11 -26.60
CA VAL B 51 2.53 -5.28 -27.02
C VAL B 51 2.07 -6.11 -25.83
N TRP B 52 0.76 -6.11 -25.63
CA TRP B 52 0.11 -6.90 -24.60
C TRP B 52 -0.28 -8.26 -25.15
N ASP B 53 0.28 -9.30 -24.55
CA ASP B 53 0.00 -10.68 -24.92
C ASP B 53 -0.85 -11.32 -23.83
N VAL B 54 -2.12 -11.56 -24.13
CA VAL B 54 -3.06 -12.05 -23.12
C VAL B 54 -3.46 -13.51 -23.38
N GLY B 55 -3.33 -14.34 -22.35
CA GLY B 55 -3.69 -15.75 -22.39
C GLY B 55 -4.99 -16.05 -23.12
N GLY B 56 -4.93 -16.99 -24.06
CA GLY B 56 -6.06 -17.31 -24.93
C GLY B 56 -6.82 -18.59 -24.64
N LEU B 57 -6.47 -19.30 -23.58
CA LEU B 57 -7.26 -20.46 -23.13
C LEU B 57 -8.72 -20.05 -22.94
N ASP B 58 -9.63 -20.95 -23.34
CA ASP B 58 -11.07 -20.69 -23.32
C ASP B 58 -11.54 -20.17 -21.96
N LYS B 59 -11.00 -20.77 -20.90
CA LYS B 59 -11.29 -20.42 -19.51
C LYS B 59 -11.13 -18.91 -19.24
N ILE B 60 -10.11 -18.31 -19.84
CA ILE B 60 -9.70 -16.94 -19.51
C ILE B 60 -9.95 -15.90 -20.61
N ARG B 61 -10.52 -16.33 -21.73
CA ARG B 61 -10.90 -15.40 -22.81
C ARG B 61 -11.91 -14.32 -22.41
N PRO B 62 -12.85 -14.63 -21.48
CA PRO B 62 -13.73 -13.57 -20.97
C PRO B 62 -12.96 -12.38 -20.37
N LEU B 63 -11.69 -12.60 -20.02
CA LEU B 63 -10.86 -11.56 -19.42
C LEU B 63 -10.30 -10.57 -20.44
N TRP B 64 -10.29 -10.96 -21.72
CA TRP B 64 -9.70 -10.11 -22.77
C TRP B 64 -10.24 -8.69 -22.78
N ARG B 65 -11.57 -8.58 -22.64
CA ARG B 65 -12.24 -7.28 -22.72
C ARG B 65 -11.73 -6.27 -21.68
N HIS B 66 -11.24 -6.78 -20.55
CA HIS B 66 -10.68 -5.91 -19.51
C HIS B 66 -9.32 -5.31 -19.87
N TYR B 67 -8.73 -5.82 -20.95
CA TYR B 67 -7.44 -5.31 -21.45
C TYR B 67 -7.55 -4.39 -22.68
N TYR B 68 -8.77 -4.14 -23.17
CA TYR B 68 -9.01 -3.28 -24.36
C TYR B 68 -8.60 -1.83 -24.21
N THR B 69 -8.71 -1.27 -23.00
CA THR B 69 -8.58 0.17 -22.79
C THR B 69 -7.32 0.77 -23.43
N GLY B 70 -7.52 1.72 -24.33
CA GLY B 70 -6.41 2.46 -24.93
C GLY B 70 -5.73 1.76 -26.10
N THR B 71 -6.28 0.64 -26.53
CA THR B 71 -5.72 -0.13 -27.64
C THR B 71 -5.77 0.69 -28.93
N GLN B 72 -4.63 0.77 -29.61
CA GLN B 72 -4.54 1.50 -30.88
C GLN B 72 -4.44 0.54 -32.07
N GLY B 73 -3.90 -0.65 -31.82
CA GLY B 73 -3.84 -1.69 -32.83
C GLY B 73 -4.08 -3.05 -32.23
N LEU B 74 -4.88 -3.85 -32.93
CA LEU B 74 -5.08 -5.25 -32.55
C LEU B 74 -4.21 -6.15 -33.42
N ILE B 75 -3.49 -7.05 -32.78
CA ILE B 75 -2.87 -8.17 -33.48
C ILE B 75 -3.63 -9.43 -33.10
N PHE B 76 -4.25 -10.06 -34.11
CA PHE B 76 -4.94 -11.31 -33.90
C PHE B 76 -4.15 -12.44 -34.55
N VAL B 77 -3.66 -13.35 -33.72
CA VAL B 77 -2.81 -14.45 -34.17
C VAL B 77 -3.67 -15.69 -34.40
N VAL B 78 -3.45 -16.36 -35.53
CA VAL B 78 -4.20 -17.57 -35.88
C VAL B 78 -3.27 -18.75 -36.19
N ASP B 79 -3.54 -19.91 -35.61
CA ASP B 79 -2.81 -21.15 -35.95
C ASP B 79 -3.39 -21.70 -37.25
N CYS B 80 -2.66 -21.52 -38.34
CA CYS B 80 -3.14 -21.86 -39.69
C CYS B 80 -3.27 -23.36 -39.98
N ALA B 81 -2.75 -24.18 -39.08
CA ALA B 81 -2.85 -25.64 -39.19
C ALA B 81 -4.04 -26.19 -38.39
N ASP B 82 -4.72 -25.31 -37.66
CA ASP B 82 -5.86 -25.69 -36.83
C ASP B 82 -7.18 -25.36 -37.54
N ARG B 83 -7.57 -26.24 -38.46
CA ARG B 83 -8.82 -26.10 -39.21
C ARG B 83 -10.03 -26.34 -38.34
N ASP B 84 -9.88 -27.19 -37.33
CA ASP B 84 -10.95 -27.51 -36.38
C ASP B 84 -11.40 -26.31 -35.53
N ARG B 85 -10.58 -25.26 -35.51
CA ARG B 85 -10.82 -24.10 -34.64
C ARG B 85 -10.78 -22.74 -35.36
N ILE B 86 -10.66 -22.76 -36.69
CA ILE B 86 -10.59 -21.52 -37.48
C ILE B 86 -11.89 -20.71 -37.42
N ASP B 87 -13.02 -21.39 -37.30
CA ASP B 87 -14.31 -20.72 -37.13
C ASP B 87 -14.50 -20.18 -35.72
N GLU B 88 -14.03 -20.93 -34.72
CA GLU B 88 -13.99 -20.46 -33.33
C GLU B 88 -13.17 -19.17 -33.26
N ALA B 89 -12.07 -19.14 -34.01
CA ALA B 89 -11.22 -17.96 -34.13
C ALA B 89 -11.95 -16.79 -34.80
N ARG B 90 -12.79 -17.08 -35.80
CA ARG B 90 -13.57 -16.04 -36.48
C ARG B 90 -14.57 -15.40 -35.51
N GLN B 91 -15.21 -16.25 -34.71
CA GLN B 91 -16.19 -15.80 -33.73
C GLN B 91 -15.53 -14.86 -32.70
N GLU B 92 -14.35 -15.27 -32.22
CA GLU B 92 -13.58 -14.48 -31.24
C GLU B 92 -13.10 -13.15 -31.81
N LEU B 93 -12.66 -13.15 -33.06
CA LEU B 93 -12.22 -11.93 -33.73
C LEU B 93 -13.31 -10.87 -33.83
N HIS B 94 -14.48 -11.25 -34.35
CA HIS B 94 -15.57 -10.29 -34.57
C HIS B 94 -16.19 -9.80 -33.25
N ARG B 95 -16.14 -10.66 -32.24
CA ARG B 95 -16.44 -10.28 -30.86
C ARG B 95 -15.59 -9.06 -30.53
N ILE B 96 -14.27 -9.25 -30.60
CA ILE B 96 -13.28 -8.22 -30.24
C ILE B 96 -13.49 -6.88 -30.96
N ILE B 97 -13.49 -6.92 -32.29
CA ILE B 97 -13.45 -5.69 -33.09
C ILE B 97 -14.72 -4.85 -33.03
N ASN B 98 -15.84 -5.49 -32.65
CA ASN B 98 -17.10 -4.76 -32.52
C ASN B 98 -17.35 -4.12 -31.15
N ASP B 99 -16.42 -4.33 -30.22
CA ASP B 99 -16.49 -3.68 -28.91
C ASP B 99 -16.20 -2.18 -29.04
N ARG B 100 -16.93 -1.38 -28.28
CA ARG B 100 -16.79 0.08 -28.28
C ARG B 100 -15.34 0.54 -28.15
N GLU B 101 -14.60 -0.07 -27.22
CA GLU B 101 -13.20 0.28 -26.97
C GLU B 101 -12.25 -0.15 -28.10
N MET B 102 -12.74 -0.98 -29.02
CA MET B 102 -11.89 -1.56 -30.07
C MET B 102 -12.28 -1.13 -31.48
N ARG B 103 -13.27 -0.26 -31.61
CA ARG B 103 -13.84 0.07 -32.92
C ARG B 103 -12.98 0.97 -33.82
N ASP B 104 -12.07 1.72 -33.21
CA ASP B 104 -11.14 2.55 -33.97
C ASP B 104 -9.79 1.87 -34.20
N ALA B 105 -9.67 0.61 -33.74
CA ALA B 105 -8.39 -0.10 -33.79
C ALA B 105 -8.06 -0.65 -35.17
N ILE B 106 -6.80 -0.46 -35.54
CA ILE B 106 -6.20 -1.07 -36.73
C ILE B 106 -6.03 -2.56 -36.47
N ILE B 107 -6.27 -3.39 -37.49
CA ILE B 107 -6.30 -4.84 -37.31
C ILE B 107 -5.22 -5.55 -38.14
N LEU B 108 -4.27 -6.16 -37.44
CA LEU B 108 -3.26 -6.98 -38.11
C LEU B 108 -3.48 -8.43 -37.76
N ILE B 109 -3.67 -9.26 -38.78
CA ILE B 109 -3.79 -10.68 -38.59
C ILE B 109 -2.44 -11.33 -38.86
N PHE B 110 -1.95 -12.10 -37.89
CA PHE B 110 -0.79 -12.95 -38.12
C PHE B 110 -1.28 -14.35 -38.47
N ALA B 111 -1.26 -14.66 -39.76
CA ALA B 111 -1.53 -16.01 -40.23
C ALA B 111 -0.30 -16.87 -39.89
N ASN B 112 -0.30 -17.39 -38.67
CA ASN B 112 0.89 -18.01 -38.07
C ASN B 112 1.01 -19.52 -38.33
N LYS B 113 2.23 -20.03 -38.14
CA LYS B 113 2.58 -21.45 -38.32
C LYS B 113 2.58 -21.89 -39.79
N GLN B 114 3.00 -20.98 -40.66
CA GLN B 114 3.08 -21.22 -42.11
C GLN B 114 4.09 -22.30 -42.48
N ASP B 115 4.99 -22.64 -41.55
CA ASP B 115 6.01 -23.67 -41.76
C ASP B 115 5.44 -25.09 -41.84
N LEU B 116 4.34 -25.33 -41.13
CA LEU B 116 3.73 -26.66 -41.06
C LEU B 116 3.15 -27.12 -42.42
N PRO B 117 3.05 -28.45 -42.63
CA PRO B 117 2.69 -29.05 -43.93
C PRO B 117 1.43 -28.47 -44.60
N ASP B 118 0.25 -28.88 -44.14
CA ASP B 118 -1.01 -28.34 -44.68
C ASP B 118 -1.53 -27.19 -43.82
N ALA B 119 -0.94 -26.01 -44.03
CA ALA B 119 -1.36 -24.81 -43.32
C ALA B 119 -2.01 -23.83 -44.28
N MET B 120 -3.08 -23.18 -43.82
CA MET B 120 -3.86 -22.26 -44.62
C MET B 120 -3.08 -21.00 -45.03
N LYS B 121 -3.30 -20.57 -46.25
CA LYS B 121 -2.66 -19.36 -46.79
C LYS B 121 -3.42 -18.10 -46.36
N PRO B 122 -2.75 -16.93 -46.39
CA PRO B 122 -3.36 -15.65 -46.07
C PRO B 122 -4.76 -15.42 -46.65
N HIS B 123 -4.92 -15.59 -47.96
CA HIS B 123 -6.21 -15.28 -48.62
C HIS B 123 -7.34 -16.21 -48.15
N GLU B 124 -6.98 -17.44 -47.78
CA GLU B 124 -7.93 -18.38 -47.18
C GLU B 124 -8.28 -17.96 -45.74
N ILE B 125 -7.25 -17.58 -44.98
CA ILE B 125 -7.42 -17.05 -43.63
C ILE B 125 -8.30 -15.79 -43.65
N GLN B 126 -8.04 -14.92 -44.63
CA GLN B 126 -8.86 -13.73 -44.88
C GLN B 126 -10.34 -14.07 -45.05
N GLU B 127 -10.62 -15.07 -45.88
CA GLU B 127 -11.99 -15.50 -46.16
C GLU B 127 -12.63 -16.18 -44.95
N LYS B 128 -11.88 -17.07 -44.32
CA LYS B 128 -12.36 -17.86 -43.18
C LYS B 128 -12.62 -16.99 -41.93
N LEU B 129 -11.91 -15.87 -41.83
CA LEU B 129 -12.09 -14.93 -40.72
C LEU B 129 -13.14 -13.87 -41.00
N GLY B 130 -13.72 -13.91 -42.20
CA GLY B 130 -14.83 -13.02 -42.56
C GLY B 130 -14.44 -11.56 -42.73
N LEU B 131 -13.19 -11.33 -43.12
CA LEU B 131 -12.67 -9.97 -43.27
C LEU B 131 -12.98 -9.35 -44.64
N THR B 132 -13.16 -10.21 -45.64
CA THR B 132 -13.26 -9.80 -47.05
C THR B 132 -14.15 -8.57 -47.31
N ARG B 133 -15.40 -8.61 -46.83
CA ARG B 133 -16.37 -7.57 -47.12
C ARG B 133 -16.32 -6.36 -46.18
N ILE B 134 -15.36 -6.35 -45.26
CA ILE B 134 -15.20 -5.23 -44.32
C ILE B 134 -14.43 -4.09 -44.97
N ARG B 135 -15.15 -3.03 -45.33
CA ARG B 135 -14.54 -1.86 -45.99
C ARG B 135 -14.37 -0.69 -45.01
N ASP B 136 -14.95 -0.83 -43.83
CA ASP B 136 -14.97 0.23 -42.83
C ASP B 136 -13.78 0.22 -41.88
N ARG B 137 -13.03 -0.89 -41.87
CA ARG B 137 -11.87 -1.05 -40.97
C ARG B 137 -10.58 -1.30 -41.72
N ASN B 138 -9.48 -0.76 -41.19
CA ASN B 138 -8.14 -1.08 -41.67
C ASN B 138 -7.68 -2.45 -41.17
N TRP B 139 -7.53 -3.39 -42.11
CA TRP B 139 -7.04 -4.72 -41.76
C TRP B 139 -6.04 -5.29 -42.76
N TYR B 140 -5.27 -6.29 -42.32
CA TYR B 140 -4.27 -6.97 -43.15
C TYR B 140 -4.00 -8.36 -42.62
N VAL B 141 -3.81 -9.31 -43.54
CA VAL B 141 -3.39 -10.66 -43.17
C VAL B 141 -1.93 -10.84 -43.57
N GLN B 142 -1.09 -11.11 -42.58
CA GLN B 142 0.34 -11.28 -42.79
C GLN B 142 0.76 -12.71 -42.45
N PRO B 143 1.27 -13.46 -43.45
CA PRO B 143 1.80 -14.80 -43.18
C PRO B 143 3.00 -14.73 -42.26
N SER B 144 3.12 -15.70 -41.36
CA SER B 144 4.21 -15.69 -40.40
C SER B 144 4.63 -17.07 -39.91
N CYS B 145 5.90 -17.17 -39.56
CA CYS B 145 6.41 -18.26 -38.76
C CYS B 145 7.06 -17.61 -37.55
N ALA B 146 6.47 -17.85 -36.37
CA ALA B 146 6.92 -17.22 -35.12
C ALA B 146 8.25 -17.77 -34.62
N THR B 147 8.40 -19.08 -34.66
CA THR B 147 9.59 -19.78 -34.15
C THR B 147 10.86 -19.50 -34.98
N SER B 148 10.71 -18.85 -36.13
CA SER B 148 11.85 -18.46 -36.96
C SER B 148 11.88 -16.94 -37.15
N GLY B 149 10.78 -16.28 -36.81
CA GLY B 149 10.67 -14.83 -36.95
C GLY B 149 10.23 -14.38 -38.33
N ASP B 150 9.88 -15.34 -39.18
CA ASP B 150 9.45 -15.06 -40.54
C ASP B 150 8.10 -14.35 -40.57
N GLY B 151 8.07 -13.18 -41.21
CA GLY B 151 6.82 -12.44 -41.39
C GLY B 151 6.51 -11.43 -40.30
N LEU B 152 7.14 -11.59 -39.14
CA LEU B 152 6.82 -10.78 -37.95
C LEU B 152 7.12 -9.29 -38.13
N TYR B 153 8.29 -8.96 -38.68
CA TYR B 153 8.68 -7.56 -38.86
C TYR B 153 7.93 -6.89 -40.02
N GLU B 154 7.46 -7.69 -40.96
CA GLU B 154 6.59 -7.21 -42.03
C GLU B 154 5.23 -6.81 -41.46
N GLY B 155 4.78 -7.56 -40.45
CA GLY B 155 3.57 -7.23 -39.70
C GLY B 155 3.65 -5.87 -39.04
N LEU B 156 4.75 -5.63 -38.32
CA LEU B 156 4.98 -4.35 -37.65
C LEU B 156 5.14 -3.19 -38.63
N THR B 157 5.67 -3.47 -39.81
CA THR B 157 5.82 -2.47 -40.87
C THR B 157 4.45 -1.94 -41.30
N TRP B 158 3.50 -2.86 -41.45
CA TRP B 158 2.12 -2.51 -41.79
C TRP B 158 1.47 -1.64 -40.72
N LEU B 159 1.68 -1.98 -39.45
CA LEU B 159 1.17 -1.21 -38.32
C LEU B 159 1.73 0.21 -38.30
N THR B 160 3.02 0.32 -38.61
CA THR B 160 3.70 1.61 -38.74
C THR B 160 3.14 2.38 -39.95
N SER B 161 2.88 1.66 -41.04
CA SER B 161 2.31 2.25 -42.25
C SER B 161 0.86 2.70 -42.02
N ASN B 162 0.12 1.94 -41.21
CA ASN B 162 -1.27 2.25 -40.89
C ASN B 162 -1.45 2.64 -39.43
N ALA C 1 -46.96 -20.64 1.58
CA ALA C 1 -46.67 -19.41 0.85
C ALA C 1 -45.74 -18.53 1.69
N MET C 2 -44.86 -17.81 1.00
CA MET C 2 -43.84 -16.98 1.62
C MET C 2 -44.46 -15.75 2.31
N ASP C 3 -43.94 -15.40 3.49
CA ASP C 3 -44.38 -14.22 4.23
C ASP C 3 -43.88 -12.92 3.58
N PRO C 4 -44.74 -11.89 3.54
CA PRO C 4 -44.36 -10.58 2.96
C PRO C 4 -43.12 -9.99 3.62
N GLU C 5 -42.97 -10.18 4.92
CA GLU C 5 -41.86 -9.63 5.70
C GLU C 5 -40.51 -10.25 5.31
N PHE C 6 -40.53 -11.55 5.00
CA PHE C 6 -39.36 -12.24 4.48
C PHE C 6 -39.03 -11.73 3.08
N MET C 7 -40.04 -11.67 2.22
CA MET C 7 -39.83 -11.20 0.85
C MET C 7 -39.26 -9.78 0.85
N GLY C 8 -39.74 -8.97 1.80
CA GLY C 8 -39.24 -7.61 1.96
C GLY C 8 -37.80 -7.56 2.41
N ARG C 9 -37.44 -8.44 3.33
CA ARG C 9 -36.08 -8.48 3.81
C ARG C 9 -35.13 -8.84 2.67
N GLU C 10 -35.53 -9.82 1.86
CA GLU C 10 -34.71 -10.29 0.75
C GLU C 10 -34.58 -9.23 -0.35
N VAL C 11 -35.69 -8.56 -0.65
CA VAL C 11 -35.67 -7.40 -1.55
C VAL C 11 -34.68 -6.34 -1.02
N GLU C 12 -34.79 -5.99 0.25
CA GLU C 12 -33.86 -5.00 0.82
C GLU C 12 -32.41 -5.52 0.79
N ASN C 13 -32.21 -6.80 1.12
CA ASN C 13 -30.87 -7.40 1.08
C ASN C 13 -30.22 -7.29 -0.29
N LEU C 14 -31.01 -7.61 -1.32
CA LEU C 14 -30.53 -7.63 -2.69
C LEU C 14 -30.29 -6.22 -3.23
N ILE C 15 -31.19 -5.29 -2.91
CA ILE C 15 -30.97 -3.89 -3.27
C ILE C 15 -29.64 -3.38 -2.71
N LEU C 16 -29.40 -3.62 -1.42
CA LEU C 16 -28.14 -3.24 -0.80
C LEU C 16 -26.94 -3.92 -1.46
N GLU C 17 -26.99 -5.24 -1.59
CA GLU C 17 -25.85 -5.97 -2.16
C GLU C 17 -25.59 -5.57 -3.61
N ASN C 18 -26.65 -5.41 -4.41
CA ASN C 18 -26.47 -5.02 -5.81
C ASN C 18 -25.94 -3.60 -5.94
N THR C 19 -26.38 -2.72 -5.04
CA THR C 19 -25.84 -1.36 -5.03
C THR C 19 -24.35 -1.37 -4.70
N GLN C 20 -23.97 -2.10 -3.65
CA GLN C 20 -22.56 -2.30 -3.25
C GLN C 20 -21.72 -2.90 -4.38
N LEU C 21 -22.26 -3.93 -5.02
CA LEU C 21 -21.55 -4.61 -6.11
C LEU C 21 -21.35 -3.70 -7.31
N LEU C 22 -22.35 -2.89 -7.63
CA LEU C 22 -22.24 -1.95 -8.73
C LEU C 22 -21.14 -0.92 -8.45
N GLU C 23 -21.12 -0.42 -7.20
CA GLU C 23 -20.09 0.53 -6.77
CA GLU C 23 -20.10 0.54 -6.79
C GLU C 23 -18.70 -0.08 -6.89
N THR C 24 -18.55 -1.33 -6.42
CA THR C 24 -17.23 -1.96 -6.51
C THR C 24 -16.84 -2.35 -7.93
N LYS C 25 -17.82 -2.67 -8.79
CA LYS C 25 -17.53 -2.91 -10.22
C LYS C 25 -16.96 -1.63 -10.83
N ASN C 26 -17.62 -0.51 -10.55
CA ASN C 26 -17.18 0.81 -11.01
C ASN C 26 -15.77 1.12 -10.49
N ALA C 27 -15.58 0.94 -9.19
CA ALA C 27 -14.28 1.14 -8.55
C ALA C 27 -13.18 0.28 -9.19
N LEU C 28 -13.48 -1.01 -9.37
CA LEU C 28 -12.51 -1.94 -9.93
C LEU C 28 -12.14 -1.60 -11.36
N ASN C 29 -13.14 -1.17 -12.13
CA ASN C 29 -12.87 -0.70 -13.49
C ASN C 29 -11.92 0.48 -13.52
N ILE C 30 -12.12 1.42 -12.60
CA ILE C 30 -11.24 2.60 -12.51
C ILE C 30 -9.81 2.19 -12.13
N VAL C 31 -9.69 1.35 -11.11
CA VAL C 31 -8.39 0.88 -10.62
C VAL C 31 -7.66 0.07 -11.69
N LYS C 32 -8.36 -0.85 -12.34
CA LYS C 32 -7.81 -1.63 -13.46
C LYS C 32 -7.22 -0.71 -14.55
N ASN C 33 -7.99 0.31 -14.94
CA ASN C 33 -7.53 1.23 -15.97
C ASN C 33 -6.30 2.04 -15.55
N ASP C 34 -6.24 2.41 -14.26
CA ASP C 34 -5.08 3.12 -13.73
C ASP C 34 -3.87 2.22 -13.71
N LEU C 35 -4.07 0.95 -13.36
CA LEU C 35 -3.01 -0.03 -13.34
C LEU C 35 -2.48 -0.34 -14.75
N ILE C 36 -3.39 -0.47 -15.72
CA ILE C 36 -2.97 -0.68 -17.13
C ILE C 36 -2.07 0.46 -17.60
N ALA C 37 -2.52 1.69 -17.38
CA ALA C 37 -1.73 2.88 -17.72
C ALA C 37 -0.33 2.84 -17.10
N LYS C 38 -0.24 2.50 -15.82
CA LYS C 38 1.06 2.42 -15.13
C LYS C 38 1.94 1.29 -15.68
N VAL C 39 1.34 0.14 -15.97
CA VAL C 39 2.08 -0.98 -16.59
C VAL C 39 2.70 -0.53 -17.92
N ASP C 40 1.91 0.17 -18.74
CA ASP C 40 2.42 0.67 -20.03
C ASP C 40 3.57 1.65 -19.83
N GLU C 41 3.39 2.57 -18.88
CA GLU C 41 4.41 3.57 -18.57
C GLU C 41 5.71 2.92 -18.08
N LEU C 42 5.59 2.00 -17.12
CA LEU C 42 6.74 1.31 -16.55
C LEU C 42 7.47 0.41 -17.55
N THR C 43 6.70 -0.24 -18.43
CA THR C 43 7.26 -1.10 -19.47
C THR C 43 8.13 -0.25 -20.40
N CYS C 44 7.60 0.91 -20.79
CA CYS C 44 8.32 1.87 -21.64
CA CYS C 44 8.31 1.86 -21.64
C CYS C 44 9.57 2.41 -20.98
N GLU C 45 9.46 2.80 -19.71
CA GLU C 45 10.58 3.34 -18.94
C GLU C 45 11.67 2.28 -18.77
N LYS C 46 11.26 1.04 -18.52
CA LYS C 46 12.16 -0.10 -18.42
C LYS C 46 12.93 -0.29 -19.73
N ASP C 47 12.23 -0.17 -20.85
CA ASP C 47 12.82 -0.33 -22.17
C ASP C 47 13.85 0.77 -22.49
N VAL C 48 13.55 1.99 -22.08
CA VAL C 48 14.49 3.12 -22.22
C VAL C 48 15.79 2.82 -21.46
N LEU C 49 15.65 2.30 -20.25
CA LEU C 49 16.78 1.91 -19.40
C LEU C 49 17.60 0.74 -19.95
N GLN C 50 16.92 -0.25 -20.53
CA GLN C 50 17.58 -1.38 -21.20
C GLN C 50 18.42 -0.88 -22.38
N GLY C 51 17.82 0.03 -23.16
CA GLY C 51 18.49 0.65 -24.30
C GLY C 51 19.70 1.50 -23.89
N GLU C 52 19.57 2.18 -22.75
CA GLU C 52 20.66 2.99 -22.21
C GLU C 52 21.81 2.12 -21.69
N LEU C 53 21.47 1.02 -21.02
CA LEU C 53 22.46 0.04 -20.54
C LEU C 53 23.26 -0.59 -21.68
N GLU C 54 22.56 -0.97 -22.74
CA GLU C 54 23.17 -1.55 -23.94
C GLU C 54 24.09 -0.56 -24.67
N ALA C 55 23.69 0.71 -24.70
CA ALA C 55 24.49 1.77 -25.32
C ALA C 55 25.79 2.03 -24.56
N VAL C 56 25.71 2.06 -23.22
CA VAL C 56 26.88 2.28 -22.38
C VAL C 56 27.79 1.05 -22.34
N LYS C 57 27.20 -0.14 -22.31
CA LYS C 57 27.97 -1.40 -22.30
C LYS C 57 28.81 -1.55 -23.57
N GLN C 58 28.30 -1.06 -24.68
CA GLN C 58 29.03 -1.02 -25.95
C GLN C 58 30.24 -0.08 -25.89
N ALA C 59 30.06 1.07 -25.23
CA ALA C 59 31.15 2.02 -25.00
C ALA C 59 32.18 1.44 -24.03
N LYS C 60 31.68 0.78 -22.99
CA LYS C 60 32.49 0.05 -22.01
C LYS C 60 33.38 -1.00 -22.70
N LEU C 61 32.85 -1.63 -23.75
CA LEU C 61 33.60 -2.63 -24.53
C LEU C 61 34.72 -2.02 -25.36
N LYS C 62 34.40 -0.93 -26.06
CA LYS C 62 35.35 -0.22 -26.92
C LYS C 62 36.50 0.41 -26.14
N LEU C 63 36.22 0.81 -24.89
CA LEU C 63 37.22 1.39 -24.00
C LEU C 63 38.15 0.33 -23.41
N GLU C 64 37.65 -0.90 -23.30
CA GLU C 64 38.44 -2.04 -22.87
C GLU C 64 39.37 -2.53 -23.98
N GLU C 65 38.90 -2.39 -25.22
CA GLU C 65 39.67 -2.75 -26.41
C GLU C 65 40.76 -1.72 -26.69
N LYS C 66 40.45 -0.46 -26.41
CA LYS C 66 41.42 0.65 -26.57
C LYS C 66 42.48 0.66 -25.46
N ASN C 67 42.15 0.00 -24.34
CA ASN C 67 43.10 -0.14 -23.22
C ASN C 67 44.11 -1.26 -23.47
N PHE D 6 -45.47 -13.01 -8.79
CA PHE D 6 -45.63 -11.53 -8.74
C PHE D 6 -44.63 -10.91 -7.76
N MET D 7 -44.77 -11.25 -6.48
CA MET D 7 -43.80 -10.86 -5.45
C MET D 7 -42.50 -11.63 -5.65
N GLY D 8 -42.63 -12.85 -6.13
CA GLY D 8 -41.49 -13.68 -6.53
C GLY D 8 -40.70 -13.11 -7.70
N ARG D 9 -41.38 -12.34 -8.54
CA ARG D 9 -40.76 -11.75 -9.74
C ARG D 9 -39.75 -10.66 -9.42
N GLU D 10 -40.11 -9.73 -8.52
CA GLU D 10 -39.18 -8.71 -8.03
C GLU D 10 -37.88 -9.35 -7.55
N VAL D 11 -38.01 -10.40 -6.74
CA VAL D 11 -36.85 -11.06 -6.12
C VAL D 11 -35.98 -11.80 -7.14
N GLU D 12 -36.61 -12.53 -8.07
CA GLU D 12 -35.87 -13.26 -9.11
C GLU D 12 -35.01 -12.33 -9.99
N ASN D 13 -35.60 -11.20 -10.40
CA ASN D 13 -34.90 -10.20 -11.24
C ASN D 13 -33.69 -9.52 -10.56
N LEU D 14 -33.81 -9.29 -9.26
CA LEU D 14 -32.71 -8.72 -8.49
C LEU D 14 -31.60 -9.76 -8.36
N ILE D 15 -32.01 -11.01 -8.18
CA ILE D 15 -31.08 -12.14 -8.05
C ILE D 15 -30.27 -12.35 -9.34
N LEU D 16 -30.93 -12.29 -10.48
CA LEU D 16 -30.25 -12.41 -11.78
C LEU D 16 -29.18 -11.34 -11.96
N GLU D 17 -29.56 -10.11 -11.64
CA GLU D 17 -28.67 -8.96 -11.63
C GLU D 17 -27.51 -9.16 -10.66
N ASN D 18 -27.83 -9.69 -9.48
CA ASN D 18 -26.82 -10.03 -8.47
C ASN D 18 -25.74 -10.97 -9.04
N THR D 19 -26.17 -12.00 -9.78
CA THR D 19 -25.23 -12.98 -10.32
C THR D 19 -24.32 -12.40 -11.40
N GLN D 20 -24.85 -11.52 -12.25
CA GLN D 20 -23.98 -10.84 -13.22
C GLN D 20 -22.97 -9.92 -12.59
N LEU D 21 -23.40 -9.16 -11.59
CA LEU D 21 -22.49 -8.29 -10.84
C LEU D 21 -21.39 -9.11 -10.15
N LEU D 22 -21.76 -10.25 -9.56
CA LEU D 22 -20.78 -11.14 -8.94
C LEU D 22 -19.75 -11.63 -9.96
N GLU D 23 -20.24 -12.08 -11.12
CA GLU D 23 -19.38 -12.53 -12.21
C GLU D 23 -18.34 -11.46 -12.62
N THR D 24 -18.81 -10.25 -12.91
CA THR D 24 -17.90 -9.19 -13.38
CA THR D 24 -17.95 -9.15 -13.36
C THR D 24 -16.92 -8.75 -12.30
N LYS D 25 -17.39 -8.64 -11.05
CA LYS D 25 -16.50 -8.35 -9.92
C LYS D 25 -15.37 -9.37 -9.77
N ASN D 26 -15.69 -10.66 -9.90
CA ASN D 26 -14.69 -11.74 -9.82
C ASN D 26 -13.65 -11.60 -10.93
N ALA D 27 -14.12 -11.38 -12.15
CA ALA D 27 -13.26 -11.18 -13.33
C ALA D 27 -12.35 -9.96 -13.16
N LEU D 28 -12.94 -8.85 -12.73
CA LEU D 28 -12.17 -7.62 -12.53
C LEU D 28 -11.10 -7.79 -11.45
N ASN D 29 -11.45 -8.47 -10.36
CA ASN D 29 -10.50 -8.76 -9.28
C ASN D 29 -9.30 -9.58 -9.74
N ILE D 30 -9.54 -10.58 -10.58
CA ILE D 30 -8.45 -11.40 -11.15
C ILE D 30 -7.48 -10.53 -11.96
N VAL D 31 -8.05 -9.73 -12.87
CA VAL D 31 -7.27 -8.85 -13.74
C VAL D 31 -6.52 -7.80 -12.91
N LYS D 32 -7.25 -7.15 -12.00
CA LYS D 32 -6.66 -6.14 -11.11
C LYS D 32 -5.47 -6.71 -10.32
N ASN D 33 -5.64 -7.89 -9.75
CA ASN D 33 -4.55 -8.52 -8.98
C ASN D 33 -3.32 -8.90 -9.81
N ASP D 34 -3.55 -9.44 -11.01
CA ASP D 34 -2.48 -9.65 -12.00
C ASP D 34 -1.74 -8.33 -12.30
N LEU D 35 -2.52 -7.26 -12.49
CA LEU D 35 -1.97 -5.95 -12.81
C LEU D 35 -1.11 -5.37 -11.68
N ILE D 36 -1.60 -5.49 -10.43
CA ILE D 36 -0.82 -5.04 -9.25
C ILE D 36 0.52 -5.77 -9.16
N ALA D 37 0.48 -7.10 -9.29
CA ALA D 37 1.70 -7.91 -9.24
C ALA D 37 2.71 -7.45 -10.28
N LYS D 38 2.21 -7.13 -11.47
CA LYS D 38 3.07 -6.68 -12.56
C LYS D 38 3.67 -5.29 -12.32
N VAL D 39 2.86 -4.38 -11.81
CA VAL D 39 3.36 -3.06 -11.41
C VAL D 39 4.48 -3.20 -10.38
N ASP D 40 4.26 -4.00 -9.33
CA ASP D 40 5.28 -4.22 -8.30
C ASP D 40 6.56 -4.81 -8.90
N GLU D 41 6.39 -5.79 -9.80
CA GLU D 41 7.54 -6.40 -10.47
C GLU D 41 8.28 -5.37 -11.32
N LEU D 42 7.55 -4.62 -12.13
CA LEU D 42 8.16 -3.63 -13.02
C LEU D 42 8.90 -2.51 -12.27
N THR D 43 8.34 -2.05 -11.16
CA THR D 43 9.01 -1.01 -10.38
C THR D 43 10.34 -1.52 -9.81
N CYS D 44 10.37 -2.76 -9.34
CA CYS D 44 11.61 -3.37 -8.86
C CYS D 44 12.62 -3.55 -9.99
N GLU D 45 12.15 -4.05 -11.14
CA GLU D 45 13.02 -4.25 -12.30
C GLU D 45 13.66 -2.94 -12.78
N LYS D 46 12.86 -1.88 -12.87
CA LYS D 46 13.32 -0.54 -13.19
C LYS D 46 14.43 -0.08 -12.22
N ASP D 47 14.22 -0.31 -10.92
CA ASP D 47 15.19 0.03 -9.87
C ASP D 47 16.51 -0.73 -10.04
N VAL D 48 16.43 -2.03 -10.28
CA VAL D 48 17.62 -2.84 -10.57
C VAL D 48 18.38 -2.30 -11.79
N LEU D 49 17.66 -2.00 -12.86
CA LEU D 49 18.26 -1.48 -14.08
C LEU D 49 18.94 -0.12 -13.86
N GLN D 50 18.30 0.74 -13.07
CA GLN D 50 18.87 2.04 -12.73
C GLN D 50 20.18 1.88 -11.97
N GLY D 51 20.22 0.94 -11.03
CA GLY D 51 21.45 0.59 -10.31
C GLY D 51 22.53 0.04 -11.22
N GLU D 52 22.15 -0.91 -12.08
CA GLU D 52 23.04 -1.48 -13.07
C GLU D 52 23.65 -0.41 -13.96
N LEU D 53 22.82 0.51 -14.44
CA LEU D 53 23.25 1.62 -15.28
C LEU D 53 24.25 2.52 -14.56
N GLU D 54 23.98 2.81 -13.29
CA GLU D 54 24.89 3.60 -12.45
C GLU D 54 26.27 2.94 -12.36
N ALA D 55 26.31 1.65 -12.04
CA ALA D 55 27.55 0.89 -11.90
C ALA D 55 28.39 0.85 -13.18
N VAL D 56 27.72 0.71 -14.32
CA VAL D 56 28.40 0.66 -15.62
C VAL D 56 28.90 2.05 -16.06
N LYS D 57 28.13 3.09 -15.72
CA LYS D 57 28.51 4.47 -16.00
C LYS D 57 29.73 4.90 -15.17
N GLN D 58 29.81 4.41 -13.94
CA GLN D 58 30.97 4.65 -13.07
C GLN D 58 32.18 3.86 -13.57
N ALA D 59 31.92 2.69 -14.14
CA ALA D 59 32.97 1.84 -14.71
C ALA D 59 33.54 2.41 -16.00
N LYS D 60 32.73 3.18 -16.73
CA LYS D 60 33.18 3.91 -17.91
C LYS D 60 34.18 5.00 -17.56
N LEU D 61 33.85 5.77 -16.53
CA LEU D 61 34.67 6.91 -16.09
C LEU D 61 36.00 6.44 -15.50
N LYS D 62 35.96 5.31 -14.79
CA LYS D 62 37.18 4.70 -14.22
C LYS D 62 38.10 4.18 -15.32
N LEU D 63 37.50 3.66 -16.41
CA LEU D 63 38.26 3.23 -17.59
C LEU D 63 38.80 4.40 -18.39
N GLU D 64 38.07 5.52 -18.39
CA GLU D 64 38.53 6.75 -19.02
C GLU D 64 39.65 7.42 -18.21
N GLU D 65 39.57 7.28 -16.89
CA GLU D 65 40.59 7.82 -16.00
C GLU D 65 41.89 7.05 -16.19
N LYS D 66 41.80 5.72 -16.24
CA LYS D 66 42.96 4.87 -16.45
C LYS D 66 43.55 5.09 -17.84
N ASN D 67 42.66 5.33 -18.82
CA ASN D 67 43.06 5.64 -20.19
C ASN D 67 43.27 7.14 -20.37
N ALA E 1 -17.10 15.62 45.79
CA ALA E 1 -15.85 15.12 45.13
C ALA E 1 -15.75 13.61 45.22
N MET E 2 -15.62 12.95 44.07
CA MET E 2 -15.49 11.50 44.06
C MET E 2 -14.05 11.09 44.36
N GLU E 3 -13.90 10.03 45.15
CA GLU E 3 -12.58 9.54 45.50
C GLU E 3 -12.06 8.58 44.43
N MET E 4 -10.75 8.61 44.24
CA MET E 4 -10.09 7.72 43.30
C MET E 4 -8.75 7.25 43.87
N ARG E 5 -8.59 5.94 44.02
CA ARG E 5 -7.35 5.36 44.50
C ARG E 5 -6.36 5.18 43.35
N ILE E 6 -5.22 5.84 43.51
CA ILE E 6 -4.15 5.85 42.53
C ILE E 6 -2.89 5.19 43.08
N LEU E 7 -2.31 4.29 42.29
CA LEU E 7 -1.01 3.70 42.61
C LEU E 7 0.03 4.25 41.64
N MET E 8 1.05 4.91 42.19
CA MET E 8 2.09 5.48 41.34
C MET E 8 3.39 4.68 41.43
N LEU E 9 3.73 4.04 40.32
CA LEU E 9 4.88 3.15 40.28
C LEU E 9 5.80 3.52 39.13
N GLY E 10 6.94 2.84 39.07
CA GLY E 10 7.98 3.17 38.11
C GLY E 10 9.33 2.83 38.73
N LEU E 11 10.36 2.76 37.91
CA LEU E 11 11.71 2.50 38.39
C LEU E 11 12.16 3.57 39.38
N ASP E 12 13.09 3.20 40.26
CA ASP E 12 13.78 4.17 41.10
C ASP E 12 14.31 5.30 40.23
N ALA E 13 14.28 6.51 40.81
CA ALA E 13 14.72 7.77 40.19
C ALA E 13 13.84 8.31 39.06
N ALA E 14 12.67 7.70 38.84
CA ALA E 14 11.80 8.12 37.74
C ALA E 14 11.15 9.48 37.98
N GLY E 15 10.90 9.81 39.24
CA GLY E 15 10.32 11.09 39.63
C GLY E 15 9.00 11.02 40.37
N LYS E 16 8.63 9.83 40.83
CA LYS E 16 7.36 9.61 41.52
C LYS E 16 7.17 10.52 42.76
N THR E 17 8.14 10.50 43.67
CA THR E 17 8.02 11.30 44.92
C THR E 17 8.04 12.78 44.60
N THR E 18 8.87 13.17 43.64
CA THR E 18 8.87 14.56 43.16
C THR E 18 7.47 14.98 42.70
N ILE E 19 6.85 14.15 41.85
CA ILE E 19 5.48 14.41 41.40
C ILE E 19 4.51 14.52 42.58
N LEU E 20 4.55 13.53 43.47
CA LEU E 20 3.64 13.48 44.61
C LEU E 20 3.65 14.79 45.39
N TYR E 21 4.86 15.26 45.74
CA TYR E 21 4.96 16.47 46.56
C TYR E 21 4.75 17.76 45.79
N LYS E 22 5.12 17.77 44.50
CA LYS E 22 4.75 18.87 43.61
C LYS E 22 3.23 19.08 43.60
N LEU E 23 2.48 17.98 43.52
CA LEU E 23 1.01 18.00 43.55
C LEU E 23 0.43 18.32 44.95
N LYS E 24 1.01 17.71 45.98
CA LYS E 24 0.50 17.88 47.35
C LYS E 24 0.80 19.27 47.92
N LEU E 25 2.03 19.74 47.69
CA LEU E 25 2.52 20.93 48.36
C LEU E 25 2.57 22.15 47.47
N GLY E 26 2.45 21.93 46.15
CA GLY E 26 2.59 23.00 45.17
C GLY E 26 3.97 23.63 45.16
N GLN E 27 4.99 22.83 45.43
CA GLN E 27 6.35 23.33 45.44
C GLN E 27 7.33 22.19 45.17
N SER E 28 8.44 22.54 44.56
CA SER E 28 9.48 21.58 44.24
C SER E 28 10.27 21.28 45.50
N VAL E 29 10.36 19.99 45.84
CA VAL E 29 11.14 19.55 47.00
C VAL E 29 12.28 18.62 46.57
N THR E 30 13.38 18.68 47.31
CA THR E 30 14.46 17.72 47.15
C THR E 30 14.00 16.39 47.76
N THR E 31 14.37 15.29 47.12
CA THR E 31 13.99 13.96 47.59
C THR E 31 15.20 13.11 47.91
N ILE E 32 14.96 12.04 48.65
CA ILE E 32 15.89 10.89 48.73
C ILE E 32 15.15 9.66 48.22
N PRO E 33 15.88 8.61 47.79
CA PRO E 33 15.17 7.39 47.36
C PRO E 33 14.23 6.86 48.42
N THR E 34 13.08 6.37 47.99
CA THR E 34 12.01 5.94 48.89
C THR E 34 12.09 4.46 49.24
N VAL E 35 12.34 4.18 50.51
CA VAL E 35 12.17 2.82 51.02
C VAL E 35 10.85 2.81 51.76
N GLY E 36 9.92 1.98 51.29
CA GLY E 36 8.58 2.00 51.81
C GLY E 36 7.70 2.77 50.84
N PHE E 37 6.92 3.71 51.37
CA PHE E 37 5.92 4.41 50.55
C PHE E 37 5.61 5.80 51.10
N ASN E 38 5.08 6.64 50.22
CA ASN E 38 4.47 7.89 50.60
C ASN E 38 3.02 7.85 50.10
N VAL E 39 2.14 8.55 50.80
CA VAL E 39 0.73 8.63 50.37
C VAL E 39 0.22 10.03 50.66
N GLU E 40 -0.39 10.66 49.65
CA GLU E 40 -0.95 11.99 49.81
C GLU E 40 -2.26 12.08 49.07
N THR E 41 -3.15 12.92 49.59
CA THR E 41 -4.41 13.19 48.93
C THR E 41 -4.36 14.57 48.24
N VAL E 42 -4.78 14.57 46.98
CA VAL E 42 -4.77 15.77 46.15
C VAL E 42 -6.16 15.88 45.51
N THR E 43 -6.79 17.05 45.64
CA THR E 43 -8.08 17.29 44.99
C THR E 43 -7.91 18.12 43.70
N TYR E 44 -8.57 17.66 42.63
CA TYR E 44 -8.50 18.32 41.32
C TYR E 44 -9.75 17.99 40.49
N LYS E 45 -10.39 19.05 39.99
CA LYS E 45 -11.61 18.93 39.16
C LYS E 45 -12.65 17.97 39.79
N ASN E 46 -12.97 18.22 41.05
CA ASN E 46 -13.99 17.46 41.78
C ASN E 46 -13.68 15.97 41.93
N VAL E 47 -12.40 15.61 41.86
CA VAL E 47 -12.00 14.26 42.28
C VAL E 47 -10.86 14.32 43.29
N LYS E 48 -11.04 13.52 44.33
CA LYS E 48 -10.11 13.44 45.45
C LYS E 48 -9.21 12.25 45.15
N PHE E 49 -8.01 12.53 44.67
CA PHE E 49 -7.04 11.47 44.35
C PHE E 49 -6.29 11.04 45.60
N ASN E 50 -6.37 9.76 45.95
CA ASN E 50 -5.54 9.21 47.01
C ASN E 50 -4.37 8.49 46.36
N VAL E 51 -3.20 9.11 46.40
CA VAL E 51 -2.06 8.68 45.59
C VAL E 51 -0.99 8.01 46.44
N TRP E 52 -0.76 6.72 46.18
CA TRP E 52 0.28 5.93 46.83
C TRP E 52 1.53 5.87 45.97
N ASP E 53 2.61 6.45 46.48
CA ASP E 53 3.92 6.47 45.85
C ASP E 53 4.78 5.39 46.54
N VAL E 54 5.10 4.34 45.78
CA VAL E 54 5.81 3.18 46.35
C VAL E 54 7.22 3.08 45.77
N GLY E 55 8.22 2.93 46.65
CA GLY E 55 9.61 2.88 46.24
C GLY E 55 9.89 1.92 45.09
N GLY E 56 10.71 2.37 44.14
CA GLY E 56 10.96 1.64 42.90
C GLY E 56 12.32 0.96 42.79
N LEU E 57 13.15 1.02 43.84
CA LEU E 57 14.42 0.27 43.78
C LEU E 57 14.17 -1.21 43.55
N ASP E 58 15.01 -1.84 42.73
CA ASP E 58 14.78 -3.21 42.26
C ASP E 58 14.36 -4.20 43.36
N LYS E 59 15.13 -4.24 44.43
CA LYS E 59 14.92 -5.26 45.46
C LYS E 59 13.64 -5.07 46.31
N ILE E 60 13.01 -3.91 46.24
CA ILE E 60 11.73 -3.70 46.92
C ILE E 60 10.48 -3.70 46.02
N ARG E 61 10.70 -3.90 44.72
CA ARG E 61 9.59 -3.97 43.75
C ARG E 61 8.56 -5.07 44.01
N PRO E 62 8.99 -6.22 44.55
CA PRO E 62 8.00 -7.23 44.96
C PRO E 62 6.94 -6.72 45.93
N LEU E 63 7.20 -5.60 46.62
CA LEU E 63 6.22 -5.05 47.53
C LEU E 63 5.10 -4.29 46.83
N TRP E 64 5.31 -3.94 45.57
CA TRP E 64 4.29 -3.22 44.79
C TRP E 64 2.95 -3.97 44.82
N ARG E 65 3.02 -5.29 44.75
CA ARG E 65 1.80 -6.11 44.64
C ARG E 65 0.88 -6.03 45.86
N HIS E 66 1.42 -5.62 47.01
CA HIS E 66 0.61 -5.41 48.23
C HIS E 66 -0.34 -4.21 48.11
N TYR E 67 -0.18 -3.41 47.06
CA TYR E 67 -0.97 -2.19 46.88
C TYR E 67 -1.97 -2.28 45.73
N TYR E 68 -1.94 -3.40 44.99
CA TYR E 68 -2.76 -3.54 43.78
C TYR E 68 -4.25 -3.52 44.08
N THR E 69 -4.69 -4.31 45.04
CA THR E 69 -6.12 -4.45 45.33
C THR E 69 -6.78 -3.11 45.68
N GLY E 70 -7.86 -2.79 44.97
CA GLY E 70 -8.59 -1.54 45.15
C GLY E 70 -8.14 -0.39 44.27
N THR E 71 -7.00 -0.57 43.60
CA THR E 71 -6.44 0.49 42.75
C THR E 71 -7.28 0.75 41.50
N GLN E 72 -7.64 2.00 41.30
CA GLN E 72 -8.53 2.41 40.21
C GLN E 72 -7.77 3.04 39.05
N GLY E 73 -6.60 3.60 39.36
CA GLY E 73 -5.72 4.14 38.33
C GLY E 73 -4.26 3.88 38.67
N LEU E 74 -3.50 3.45 37.67
CA LEU E 74 -2.06 3.35 37.76
C LEU E 74 -1.43 4.57 37.09
N ILE E 75 -0.57 5.25 37.83
CA ILE E 75 0.35 6.19 37.23
C ILE E 75 1.71 5.50 37.15
N PHE E 76 2.20 5.29 35.93
CA PHE E 76 3.52 4.70 35.72
C PHE E 76 4.47 5.79 35.22
N VAL E 77 5.47 6.09 36.04
CA VAL E 77 6.40 7.18 35.73
C VAL E 77 7.68 6.61 35.13
N VAL E 78 8.11 7.23 34.03
CA VAL E 78 9.28 6.81 33.27
C VAL E 78 10.24 7.99 33.18
N ASP E 79 11.50 7.75 33.52
CA ASP E 79 12.58 8.68 33.25
C ASP E 79 12.96 8.56 31.78
N CYS E 80 12.55 9.55 30.99
CA CYS E 80 12.77 9.51 29.54
C CYS E 80 14.20 9.82 29.12
N ALA E 81 15.04 10.25 30.06
CA ALA E 81 16.45 10.46 29.78
C ALA E 81 17.28 9.19 30.04
N ASP E 82 16.64 8.20 30.68
CA ASP E 82 17.31 6.93 31.02
C ASP E 82 17.00 5.83 29.99
N ARG E 83 17.62 5.95 28.82
CA ARG E 83 17.42 4.98 27.73
C ARG E 83 17.96 3.60 28.07
N ASP E 84 19.00 3.57 28.89
CA ASP E 84 19.64 2.32 29.31
C ASP E 84 18.69 1.42 30.12
N ARG E 85 17.71 2.03 30.79
CA ARG E 85 16.78 1.26 31.60
C ARG E 85 15.34 1.22 31.08
N ILE E 86 15.11 1.74 29.88
CA ILE E 86 13.76 1.71 29.30
C ILE E 86 13.19 0.29 29.14
N ASP E 87 14.05 -0.68 28.78
CA ASP E 87 13.60 -2.08 28.66
C ASP E 87 13.16 -2.68 30.00
N GLU E 88 13.89 -2.32 31.05
CA GLU E 88 13.53 -2.71 32.41
C GLU E 88 12.18 -2.09 32.83
N ALA E 89 11.98 -0.82 32.47
CA ALA E 89 10.70 -0.15 32.72
C ALA E 89 9.55 -0.88 32.00
N ARG E 90 9.77 -1.24 30.73
CA ARG E 90 8.76 -1.98 29.97
C ARG E 90 8.36 -3.27 30.67
N GLN E 91 9.36 -4.03 31.09
CA GLN E 91 9.16 -5.29 31.81
C GLN E 91 8.29 -5.09 33.06
N GLU E 92 8.62 -4.07 33.85
CA GLU E 92 7.89 -3.79 35.09
C GLU E 92 6.45 -3.36 34.79
N LEU E 93 6.26 -2.50 33.79
CA LEU E 93 4.92 -2.01 33.42
C LEU E 93 3.98 -3.16 33.08
N HIS E 94 4.42 -4.04 32.19
CA HIS E 94 3.59 -5.18 31.78
C HIS E 94 3.32 -6.18 32.90
N ARG E 95 4.30 -6.38 33.79
CA ARG E 95 4.11 -7.16 35.01
C ARG E 95 2.97 -6.60 35.88
N ILE E 96 2.94 -5.28 36.06
CA ILE E 96 1.90 -4.64 36.88
C ILE E 96 0.52 -4.85 36.25
N ILE E 97 0.39 -4.45 34.99
CA ILE E 97 -0.93 -4.39 34.36
C ILE E 97 -1.52 -5.76 34.03
N ASN E 98 -0.66 -6.78 33.97
CA ASN E 98 -1.12 -8.15 33.76
C ASN E 98 -1.58 -8.87 35.03
N ASP E 99 -1.33 -8.27 36.19
CA ASP E 99 -1.76 -8.87 37.45
C ASP E 99 -3.28 -8.83 37.52
N ARG E 100 -3.88 -9.96 37.92
CA ARG E 100 -5.34 -10.05 38.07
C ARG E 100 -5.94 -8.92 38.91
N GLU E 101 -5.20 -8.48 39.93
CA GLU E 101 -5.67 -7.42 40.82
C GLU E 101 -5.55 -6.01 40.23
N MET E 102 -4.96 -5.90 39.04
CA MET E 102 -4.84 -4.61 38.34
C MET E 102 -5.64 -4.54 37.03
N ARG E 103 -6.44 -5.56 36.76
CA ARG E 103 -7.09 -5.69 35.44
C ARG E 103 -8.06 -4.56 35.09
N ASP E 104 -8.64 -3.93 36.11
CA ASP E 104 -9.61 -2.86 35.90
C ASP E 104 -9.04 -1.45 36.07
N ALA E 105 -7.75 -1.34 36.34
CA ALA E 105 -7.13 -0.02 36.56
C ALA E 105 -6.86 0.67 35.23
N ILE E 106 -7.22 1.95 35.13
CA ILE E 106 -6.79 2.76 33.98
C ILE E 106 -5.32 3.15 34.19
N ILE E 107 -4.64 3.42 33.08
CA ILE E 107 -3.17 3.55 33.08
C ILE E 107 -2.71 4.90 32.51
N LEU E 108 -2.18 5.75 33.37
CA LEU E 108 -1.53 6.99 32.93
C LEU E 108 -0.01 6.80 32.96
N ILE E 109 0.62 6.98 31.82
CA ILE E 109 2.07 6.93 31.78
C ILE E 109 2.59 8.37 31.74
N PHE E 110 3.36 8.76 32.77
CA PHE E 110 4.09 10.02 32.73
C PHE E 110 5.44 9.80 32.05
N ALA E 111 5.58 10.37 30.86
CA ALA E 111 6.84 10.38 30.13
C ALA E 111 7.65 11.54 30.69
N ASN E 112 8.30 11.28 31.82
CA ASN E 112 8.83 12.34 32.66
C ASN E 112 10.26 12.75 32.31
N LYS E 113 10.65 13.92 32.78
CA LYS E 113 11.99 14.50 32.53
C LYS E 113 12.17 14.96 31.07
N GLN E 114 11.09 15.44 30.46
CA GLN E 114 11.09 16.05 29.12
C GLN E 114 12.02 17.26 28.99
N ASP E 115 12.35 17.87 30.12
CA ASP E 115 13.29 19.00 30.16
C ASP E 115 14.73 18.63 29.80
N LEU E 116 15.10 17.36 29.99
CA LEU E 116 16.47 16.92 29.75
C LEU E 116 16.76 16.76 28.25
N PRO E 117 17.97 17.17 27.80
CA PRO E 117 18.34 17.01 26.40
C PRO E 117 18.32 15.55 25.97
N ASP E 118 17.82 15.29 24.77
CA ASP E 118 17.77 13.94 24.21
C ASP E 118 16.81 13.00 24.98
N ALA E 119 15.95 13.57 25.81
CA ALA E 119 14.91 12.78 26.48
C ALA E 119 14.01 12.18 25.42
N MET E 120 13.63 10.92 25.62
CA MET E 120 12.70 10.24 24.72
C MET E 120 11.32 10.90 24.78
N LYS E 121 10.76 11.19 23.61
CA LYS E 121 9.43 11.78 23.49
C LYS E 121 8.33 10.72 23.69
N PRO E 122 7.08 11.16 23.99
CA PRO E 122 5.96 10.22 24.16
C PRO E 122 5.83 9.18 23.04
N HIS E 123 6.05 9.58 21.79
CA HIS E 123 5.92 8.63 20.67
C HIS E 123 6.99 7.54 20.72
N GLU E 124 8.17 7.88 21.25
CA GLU E 124 9.26 6.91 21.42
C GLU E 124 8.97 5.99 22.59
N ILE E 125 8.40 6.56 23.65
CA ILE E 125 7.95 5.83 24.84
C ILE E 125 6.91 4.77 24.48
N GLN E 126 5.99 5.14 23.59
CA GLN E 126 4.97 4.21 23.11
C GLN E 126 5.59 2.95 22.54
N GLU E 127 6.66 3.13 21.79
CA GLU E 127 7.34 2.01 21.14
C GLU E 127 8.18 1.21 22.14
N LYS E 128 8.95 1.90 22.97
CA LYS E 128 9.92 1.25 23.85
C LYS E 128 9.29 0.55 25.07
N LEU E 129 8.09 0.99 25.46
CA LEU E 129 7.33 0.32 26.51
C LEU E 129 6.39 -0.75 25.97
N GLY E 130 6.44 -0.99 24.66
CA GLY E 130 5.61 -2.02 24.03
C GLY E 130 4.12 -1.81 24.24
N LEU E 131 3.70 -0.55 24.22
CA LEU E 131 2.29 -0.21 24.47
C LEU E 131 1.32 -0.77 23.41
N THR E 132 1.81 -0.95 22.17
CA THR E 132 1.01 -1.55 21.10
C THR E 132 0.49 -2.96 21.44
N ARG E 133 1.16 -3.62 22.38
CA ARG E 133 0.83 -5.00 22.78
C ARG E 133 -0.22 -5.05 23.89
N ILE E 134 -0.49 -3.93 24.54
CA ILE E 134 -1.51 -3.88 25.59
C ILE E 134 -2.90 -4.17 25.03
N ARG E 135 -3.63 -5.07 25.69
CA ARG E 135 -4.96 -5.47 25.27
C ARG E 135 -6.00 -5.17 26.34
N ASP E 136 -7.12 -4.57 25.90
CA ASP E 136 -8.31 -4.34 26.73
C ASP E 136 -8.06 -3.48 27.98
N ARG E 137 -7.19 -2.47 27.81
CA ARG E 137 -6.90 -1.52 28.87
C ARG E 137 -6.98 -0.11 28.33
N ASN E 138 -7.35 0.81 29.21
CA ASN E 138 -7.44 2.22 28.93
C ASN E 138 -6.13 2.87 29.35
N TRP E 139 -5.38 3.40 28.39
CA TRP E 139 -4.07 3.98 28.68
C TRP E 139 -3.78 5.26 27.88
N TYR E 140 -2.81 6.03 28.36
CA TYR E 140 -2.47 7.34 27.82
C TYR E 140 -1.06 7.68 28.23
N VAL E 141 -0.29 8.24 27.31
CA VAL E 141 1.05 8.75 27.58
C VAL E 141 1.07 10.26 27.65
N GLN E 142 1.39 10.78 28.82
CA GLN E 142 1.50 12.23 29.05
C GLN E 142 2.95 12.69 29.25
N PRO E 143 3.46 13.59 28.39
CA PRO E 143 4.78 14.13 28.68
C PRO E 143 4.77 15.04 29.90
N SER E 144 5.84 15.02 30.67
CA SER E 144 5.89 15.81 31.87
C SER E 144 7.30 16.24 32.25
N CYS E 145 7.34 17.29 33.06
CA CYS E 145 8.53 17.70 33.79
C CYS E 145 8.09 17.95 35.23
N ALA E 146 8.39 17.01 36.11
CA ALA E 146 7.91 17.08 37.50
C ALA E 146 8.55 18.23 38.27
N THR E 147 9.73 18.66 37.84
CA THR E 147 10.40 19.78 38.52
C THR E 147 9.66 21.14 38.31
N SER E 148 9.18 21.38 37.09
CA SER E 148 8.37 22.57 36.80
C SER E 148 6.86 22.34 37.05
N GLY E 149 6.43 21.08 36.98
CA GLY E 149 5.01 20.74 37.09
C GLY E 149 4.32 20.60 35.73
N ASP E 150 5.01 20.98 34.66
CA ASP E 150 4.44 20.89 33.29
C ASP E 150 3.94 19.48 33.01
N GLY E 151 2.71 19.39 32.54
CA GLY E 151 2.12 18.11 32.14
C GLY E 151 1.41 17.33 33.24
N LEU E 152 1.65 17.67 34.50
CA LEU E 152 1.09 16.87 35.60
C LEU E 152 -0.42 17.01 35.69
N TYR E 153 -0.92 18.24 35.61
CA TYR E 153 -2.37 18.44 35.65
C TYR E 153 -3.08 17.96 34.39
N GLU E 154 -2.40 18.01 33.26
CA GLU E 154 -2.92 17.38 32.03
C GLU E 154 -3.10 15.88 32.28
N GLY E 155 -2.13 15.28 32.98
CA GLY E 155 -2.26 13.88 33.38
C GLY E 155 -3.43 13.61 34.29
N LEU E 156 -3.60 14.42 35.34
CA LEU E 156 -4.73 14.25 36.25
C LEU E 156 -6.07 14.47 35.51
N THR E 157 -6.08 15.41 34.59
CA THR E 157 -7.26 15.65 33.75
C THR E 157 -7.69 14.36 33.04
N TRP E 158 -6.74 13.69 32.41
CA TRP E 158 -7.03 12.42 31.73
C TRP E 158 -7.66 11.39 32.68
N LEU E 159 -7.10 11.26 33.87
CA LEU E 159 -7.65 10.37 34.88
C LEU E 159 -9.08 10.78 35.27
N THR E 160 -9.30 12.07 35.51
CA THR E 160 -10.63 12.59 35.86
C THR E 160 -11.65 12.29 34.75
N SER E 161 -11.20 12.43 33.50
CA SER E 161 -12.06 12.26 32.33
C SER E 161 -12.37 10.79 32.05
N ASN E 162 -11.52 9.92 32.58
CA ASN E 162 -11.67 8.48 32.42
C ASN E 162 -11.98 7.78 33.75
PG GTP F . -3.68 13.60 -2.18
O1G GTP F . -4.94 14.35 -2.45
O2G GTP F . -4.00 12.25 -1.62
O3G GTP F . -2.82 13.48 -3.41
O3B GTP F . -2.85 14.47 -1.09
PB GTP F . -1.41 14.09 -0.52
O1B GTP F . -1.55 13.35 0.79
O2B GTP F . -0.55 13.35 -1.51
O3A GTP F . -0.81 15.55 -0.15
PA GTP F . 0.46 16.28 -0.83
O1A GTP F . 0.12 16.59 -2.26
O2A GTP F . 1.71 15.48 -0.64
O5' GTP F . 0.59 17.62 0.06
C5' GTP F . -0.46 18.57 0.13
C4' GTP F . 0.15 19.91 0.52
O4' GTP F . 0.76 19.79 1.80
C3' GTP F . 1.27 20.32 -0.45
O3' GTP F . 1.16 21.69 -0.69
C2' GTP F . 2.55 20.02 0.32
O2' GTP F . 3.64 20.86 -0.03
C1' GTP F . 2.09 20.26 1.75
N9 GTP F . 2.88 19.51 2.75
C8 GTP F . 3.16 18.16 2.76
N7 GTP F . 3.89 17.90 3.87
C5 GTP F . 4.04 19.06 4.57
C6 GTP F . 4.68 19.35 5.78
O6 GTP F . 5.26 18.49 6.43
N1 GTP F . 4.66 20.65 6.24
C2 GTP F . 4.02 21.65 5.53
N2 GTP F . 4.01 22.90 6.00
N3 GTP F . 3.38 21.34 4.34
C4 GTP F . 3.40 20.07 3.87
MG MG G . -0.91 12.83 -3.53
C1 DIO H . 1.96 8.87 22.78
C2 DIO H . 1.48 6.92 21.44
C1' DIO H . 1.56 9.73 21.58
C2' DIO H . 1.22 7.79 20.22
O1 DIO H . 1.26 7.61 22.68
O1' DIO H . 1.89 9.06 20.37
C1 GOL I . -12.21 3.20 3.41
O1 GOL I . -13.03 4.27 3.82
C2 GOL I . -12.25 3.14 1.89
O2 GOL I . -13.60 3.14 1.46
C3 GOL I . -11.56 1.88 1.39
O3 GOL I . -11.78 1.74 0.01
PG GTP J . -1.61 -19.10 -24.92
O1G GTP J . -2.38 -20.25 -24.34
O2G GTP J . -0.47 -18.75 -23.98
O3G GTP J . -2.48 -17.90 -25.21
O3B GTP J . -1.01 -19.62 -26.32
PB GTP J . -0.02 -18.76 -27.24
O1B GTP J . -0.76 -18.05 -28.35
O2B GTP J . 0.86 -17.81 -26.47
O3A GTP J . 0.86 -19.95 -27.89
PA GTP J . 2.43 -20.17 -27.66
O1A GTP J . 2.76 -20.69 -26.29
O2A GTP J . 3.23 -18.97 -28.08
O5' GTP J . 2.72 -21.33 -28.76
C5' GTP J . 2.17 -22.63 -28.59
C4' GTP J . 3.03 -23.67 -29.33
O4' GTP J . 3.13 -23.34 -30.70
C3' GTP J . 4.44 -23.70 -28.79
O3' GTP J . 4.84 -25.04 -28.67
C2' GTP J . 5.27 -22.97 -29.83
O2' GTP J . 6.58 -23.46 -29.87
C1' GTP J . 4.48 -23.23 -31.10
N9 GTP J . 4.57 -22.21 -32.16
C8 GTP J . 4.40 -20.85 -32.08
N7 GTP J . 4.56 -20.32 -33.32
C5 GTP J . 4.84 -21.32 -34.19
C6 GTP J . 5.10 -21.35 -35.56
O6 GTP J . 5.10 -20.31 -36.21
N1 GTP J . 5.35 -22.57 -36.18
C2 GTP J . 5.35 -23.74 -35.43
N2 GTP J . 5.59 -24.91 -36.01
N3 GTP J . 5.09 -23.69 -34.08
C4 GTP J . 4.85 -22.51 -33.47
MG MG K . 0.97 -17.49 -24.41
C1 DIO L . -13.97 9.68 -9.98
C2 DIO L . -12.56 7.78 -9.73
C1' DIO L . -13.02 10.22 -11.04
C2' DIO L . -11.61 8.32 -10.79
O1 DIO L . -13.89 8.25 -9.96
O1' DIO L . -11.70 9.75 -10.81
C1 DIO M . -16.79 6.24 -8.14
C2 DIO M . -16.87 4.03 -7.22
C1' DIO M . -15.38 6.42 -7.61
C2' DIO M . -15.48 4.24 -6.64
O1 DIO M . -17.04 4.85 -8.38
O1' DIO M . -15.22 5.63 -6.42
PG GTP N . 12.32 6.05 44.20
O1G GTP N . 13.61 5.29 44.28
O2G GTP N . 11.17 5.16 43.84
O3G GTP N . 12.02 6.77 45.49
O3B GTP N . 12.54 7.18 43.06
PB GTP N . 11.42 8.26 42.61
O1B GTP N . 10.62 7.70 41.44
O2B GTP N . 10.56 8.69 43.77
O3A GTP N . 12.31 9.49 42.06
PA GTP N . 12.46 10.96 42.71
O1A GTP N . 13.15 10.87 44.07
O2A GTP N . 11.12 11.64 42.81
O5' GTP N . 13.36 11.74 41.66
C5' GTP N . 14.67 11.30 41.35
C4' GTP N . 15.46 12.50 40.85
O4' GTP N . 14.95 12.93 39.60
C3' GTP N . 15.42 13.70 41.80
O3' GTP N . 16.72 14.24 41.86
C2' GTP N . 14.47 14.68 41.11
O2' GTP N . 14.74 16.04 41.33
C1' GTP N . 14.68 14.31 39.64
N9 GTP N . 13.51 14.58 38.79
C8 GTP N . 12.21 14.22 38.95
N7 GTP N . 11.49 14.68 37.89
C5 GTP N . 12.35 15.35 37.06
C6 GTP N . 12.21 16.03 35.85
O6 GTP N . 11.10 16.13 35.28
N1 GTP N . 13.32 16.60 35.26
C2 GTP N . 14.57 16.51 35.86
N2 GTP N . 15.64 17.04 35.28
N3 GTP N . 14.71 15.84 37.05
C4 GTP N . 13.62 15.27 37.64
MG MG O . 10.60 8.18 45.76
C1 DIO P . 6.65 15.22 20.72
C2 DIO P . 4.61 14.34 21.56
C1' DIO P . 6.65 13.95 19.86
C2' DIO P . 4.89 12.92 21.11
O1 DIO P . 5.86 14.98 21.88
O1' DIO P . 6.22 12.82 20.62
C1 DIO Q . 0.13 20.60 51.83
C2 DIO Q . -0.43 22.81 51.15
C1' DIO Q . 0.49 21.12 53.21
C2' DIO Q . -0.17 23.32 52.57
O1 DIO Q . -0.86 21.44 51.23
O1' DIO Q . 0.85 22.51 53.16
C1 DIO R . 11.75 -8.86 50.33
C2 DIO R . 10.70 -7.32 48.85
C1' DIO R . 11.69 -7.70 51.33
C2' DIO R . 11.22 -6.11 49.62
O1 DIO R . 11.63 -8.39 48.99
O1' DIO R . 12.08 -6.48 50.70
#